data_2WXK
#
_entry.id   2WXK
#
_cell.length_a   64.362
_cell.length_b   143.669
_cell.length_c   223.121
_cell.angle_alpha   90.00
_cell.angle_beta   90.00
_cell.angle_gamma   90.00
#
_symmetry.space_group_name_H-M   'C 2 2 21'
#
loop_
_entity.id
_entity.type
_entity.pdbx_description
1 polymer 'PHOSPHATIDYLINOSITOL-4,5-BISPHOSPHATE 3-KINASE CATALYTIC SUBUNIT DELTA ISOFORM'
2 non-polymer 3-(2-amino-1,3-benzothiazol-6-yl)-1-{[2-(4-methylpiperazin-1-yl)quinolin-3-yl]methyl}-1H-pyrazolo[3,4-d]pyrimidin-4-amine
#
_entity_poly.entity_id   1
_entity_poly.type   'polypeptide(L)'
_entity_poly.pdbx_seq_one_letter_code
;GGDRVKKLINSQISLLIGKGLHEFDSLRDPEVNDFRTKMRQFCEEAAAHRQQLGWVEWLQYSFPLQLEPSARGWRAGLLR
VSNRALLVNVKFEGSEESFTFQVSTKDMPLALMACALRKKATVFRQPLVEQPEEYALQVNGRHEYLYGNYPLCHFQYICS
CLHSGLTPHLTMVHSSSILAMRDEQSNPAPQVQKPRAKPPPIPAKKPSSVSLWSLEQPFSIELIEGRKVNADERMKLVVQ
AGLFHGNEMLCKTVSSSEVNVCSEPVWKQRLEFDISVCDLPRMARLCFALYAVVEKAKKARSTKKKSKKADCPIAWANLM
LFDYKDQLKTGERCLYMWPSVPDEKGELLNPAGTVRGNPNTESAAALVIYLPEVAPHPVYFPALEKILELGRHGERGRIT
EEEQLQLREILERRGSGELYEHEKDLVWKMRHEVQEHFPEALARLLLVTKWNKHEDVAQMLYLLCSWPELPVLSALELLD
FSFPDCYVGSFAIKSLRKLTDDELFQYLLQLVQVLKYESYLDCELTKFLLGRALANRKIGHFLFWHLRSEMHVPSVALRF
GLIMEAYCRGSTHHMKVLMKQGEALSKLKALNDFVKVSSQKTTKPQTKEMMHMCMRQETYMEALSHLQSPLDPSTLLEEV
CVEQCTFMDSKMKPLWIMYSSEEAGSAGNVGIIFKNGDDLRQDMLTLQMIQLMDVLWKQEGLDLRMTPYGCLPTGDRTGL
IEVVLHSDTIANIQLNKSNMAATAAFNKDALLNWLKSKNPGEALDRAIEEFTLSCAGYCVATYVLGIGDRHSDNIMIRES
GQLFHIDFGHFLGNFKTKFGINRERVPFILTYDFVHVIQQGKTNNSEKFERFRGYCERAYTILRRHGLLFLHLFALMRAA
GLPELSCSKDIQYLKDSLALGKTEEEALKHFRVKFNEALRESWKTKVNWLAHNVSKDNRQ
;
_entity_poly.pdbx_strand_id   A
#
loop_
_chem_comp.id
_chem_comp.type
_chem_comp.name
_chem_comp.formula
RW4 non-polymer 3-(2-amino-1,3-benzothiazol-6-yl)-1-{[2-(4-methylpiperazin-1-yl)quinolin-3-yl]methyl}-1H-pyrazolo[3,4-d]pyrimidin-4-amine 'C27 H26 N10 S'
#
# COMPACT_ATOMS: atom_id res chain seq x y z
N VAL A 5 21.01 -25.18 15.32
CA VAL A 5 19.99 -25.01 14.22
C VAL A 5 18.92 -23.94 14.49
N LYS A 6 18.52 -23.81 15.75
CA LYS A 6 17.62 -22.73 16.15
C LYS A 6 18.41 -21.41 16.07
N LYS A 7 19.68 -21.50 16.47
CA LYS A 7 20.63 -20.37 16.42
C LYS A 7 20.77 -19.80 15.01
N LEU A 8 20.97 -20.69 14.04
CA LEU A 8 21.05 -20.34 12.63
C LEU A 8 19.81 -19.57 12.14
N ILE A 9 18.64 -20.14 12.38
CA ILE A 9 17.41 -19.47 12.05
C ILE A 9 17.41 -18.07 12.64
N ASN A 10 17.71 -17.98 13.93
CA ASN A 10 17.60 -16.72 14.61
C ASN A 10 18.47 -15.74 13.92
N SER A 11 19.66 -16.18 13.57
CA SER A 11 20.56 -15.23 13.00
C SER A 11 20.14 -14.91 11.58
N GLN A 12 19.44 -15.81 10.91
CA GLN A 12 19.03 -15.35 9.61
C GLN A 12 17.90 -14.34 9.65
N ILE A 13 16.90 -14.56 10.51
CA ILE A 13 15.85 -13.55 10.76
C ILE A 13 16.45 -12.16 10.99
N SER A 14 17.49 -12.12 11.81
CA SER A 14 18.09 -10.86 12.23
C SER A 14 18.60 -10.14 11.04
N LEU A 15 19.20 -10.92 10.14
CA LEU A 15 19.78 -10.41 8.90
C LEU A 15 18.69 -9.92 7.97
N LEU A 16 17.66 -10.75 7.82
CA LEU A 16 16.46 -10.39 7.06
C LEU A 16 15.80 -9.13 7.59
N ILE A 17 15.52 -9.08 8.86
CA ILE A 17 14.70 -7.97 9.22
C ILE A 17 15.54 -6.72 9.36
N GLY A 18 16.85 -6.89 9.37
CA GLY A 18 17.72 -5.76 9.56
C GLY A 18 17.83 -5.20 10.97
N LYS A 19 17.59 -6.01 12.01
CA LYS A 19 17.77 -5.57 13.40
C LYS A 19 17.91 -6.78 14.29
N GLY A 20 19.00 -6.89 15.03
CA GLY A 20 19.26 -8.10 15.80
C GLY A 20 18.21 -8.38 16.86
N LEU A 21 17.82 -9.64 17.00
CA LEU A 21 16.83 -10.09 18.00
C LEU A 21 17.30 -9.86 19.44
N HIS A 22 18.62 -9.74 19.61
CA HIS A 22 19.20 -9.43 20.91
C HIS A 22 18.77 -8.02 21.34
N GLU A 23 18.46 -7.19 20.36
CA GLU A 23 17.96 -5.86 20.64
C GLU A 23 16.52 -5.88 21.14
N PHE A 24 15.81 -6.97 20.84
CA PHE A 24 14.51 -7.15 21.45
C PHE A 24 14.68 -7.46 22.95
N ASP A 25 15.38 -8.56 23.24
CA ASP A 25 15.64 -9.02 24.61
C ASP A 25 16.18 -7.94 25.54
N SER A 26 17.05 -7.10 25.01
CA SER A 26 17.85 -6.23 25.88
C SER A 26 17.05 -5.07 26.40
N LEU A 27 15.79 -4.95 25.97
CA LEU A 27 14.88 -3.91 26.42
C LEU A 27 14.20 -4.31 27.72
N ARG A 28 14.34 -5.59 28.11
CA ARG A 28 13.74 -6.17 29.34
C ARG A 28 12.24 -5.84 29.57
N ASP A 29 11.44 -5.82 28.50
CA ASP A 29 10.08 -5.24 28.54
C ASP A 29 8.95 -6.27 28.51
N PRO A 30 8.03 -6.21 29.49
CA PRO A 30 6.94 -7.18 29.47
C PRO A 30 6.06 -7.11 28.22
N GLU A 31 5.75 -5.89 27.76
CA GLU A 31 4.92 -5.76 26.54
C GLU A 31 5.56 -6.47 25.36
N VAL A 32 6.84 -6.21 25.15
CA VAL A 32 7.55 -6.81 24.05
C VAL A 32 7.61 -8.30 24.27
N ASN A 33 8.10 -8.68 25.42
CA ASN A 33 8.35 -10.07 25.71
C ASN A 33 7.09 -10.92 25.51
N ASP A 34 5.93 -10.44 26.01
CA ASP A 34 4.65 -11.12 25.73
C ASP A 34 4.23 -11.14 24.25
N PHE A 35 4.43 -10.04 23.54
CA PHE A 35 4.08 -9.99 22.15
C PHE A 35 4.77 -11.17 21.48
N ARG A 36 6.07 -11.33 21.75
CA ARG A 36 6.93 -12.22 20.97
C ARG A 36 6.56 -13.67 21.14
N THR A 37 6.25 -14.05 22.36
CA THR A 37 5.86 -15.44 22.63
C THR A 37 4.45 -15.71 22.09
N LYS A 38 3.49 -14.87 22.44
CA LYS A 38 2.07 -15.09 22.07
C LYS A 38 1.89 -15.18 20.55
N MET A 39 2.46 -14.22 19.82
CA MET A 39 2.56 -14.25 18.35
C MET A 39 3.31 -15.44 17.79
N ARG A 40 4.51 -15.73 18.30
CA ARG A 40 5.17 -16.99 17.93
C ARG A 40 4.23 -18.21 17.98
N GLN A 41 3.47 -18.36 19.07
CA GLN A 41 2.45 -19.38 19.15
C GLN A 41 1.53 -19.29 17.92
N PHE A 42 0.93 -18.12 17.75
CA PHE A 42 -0.08 -17.87 16.74
C PHE A 42 0.39 -18.35 15.40
N CYS A 43 1.51 -17.78 14.96
CA CYS A 43 2.10 -18.06 13.67
C CYS A 43 2.47 -19.51 13.47
N GLU A 44 3.04 -20.16 14.49
CA GLU A 44 3.46 -21.53 14.28
C GLU A 44 2.31 -22.50 14.07
N GLU A 45 1.16 -22.17 14.64
CA GLU A 45 -0.02 -23.02 14.50
C GLU A 45 -0.51 -22.83 13.07
N ALA A 46 -0.46 -21.60 12.57
CA ALA A 46 -0.68 -21.35 11.14
C ALA A 46 0.28 -22.17 10.29
N ALA A 47 1.57 -22.29 10.64
CA ALA A 47 2.46 -23.16 9.85
C ALA A 47 1.90 -24.57 9.79
N ALA A 48 1.31 -24.99 10.91
CA ALA A 48 0.88 -26.36 11.13
C ALA A 48 -0.29 -26.65 10.23
N HIS A 49 -1.24 -25.73 10.21
CA HIS A 49 -2.42 -25.82 9.38
C HIS A 49 -1.97 -25.97 7.94
N ARG A 50 -1.04 -25.11 7.55
CA ARG A 50 -0.65 -25.00 6.17
C ARG A 50 -0.06 -26.33 5.70
N GLN A 51 0.77 -26.92 6.55
CA GLN A 51 1.55 -28.09 6.16
C GLN A 51 0.70 -29.35 6.10
N GLN A 52 -0.62 -29.18 6.09
CA GLN A 52 -1.53 -30.32 5.96
C GLN A 52 -2.77 -30.02 5.10
N LEU A 53 -2.68 -28.95 4.30
CA LEU A 53 -3.73 -28.62 3.33
C LEU A 53 -3.79 -29.65 2.20
N GLY A 54 -4.94 -29.80 1.57
CA GLY A 54 -5.01 -30.53 0.32
C GLY A 54 -4.21 -29.83 -0.77
N TRP A 55 -3.83 -30.57 -1.81
CA TRP A 55 -2.85 -30.05 -2.76
C TRP A 55 -3.33 -28.80 -3.47
N VAL A 56 -4.57 -28.85 -3.96
CA VAL A 56 -5.19 -27.65 -4.47
C VAL A 56 -5.13 -26.50 -3.44
N GLU A 57 -5.57 -26.72 -2.21
CA GLU A 57 -5.54 -25.67 -1.19
C GLU A 57 -4.14 -25.09 -1.11
N TRP A 58 -3.14 -25.98 -1.11
CA TRP A 58 -1.74 -25.53 -1.11
C TRP A 58 -1.43 -24.61 -2.26
N LEU A 59 -1.84 -24.98 -3.46
CA LEU A 59 -1.69 -24.09 -4.60
C LEU A 59 -2.25 -22.72 -4.34
N GLN A 60 -3.41 -22.69 -3.69
CA GLN A 60 -4.06 -21.42 -3.43
C GLN A 60 -3.30 -20.61 -2.40
N TYR A 61 -2.59 -21.29 -1.53
CA TYR A 61 -1.78 -20.61 -0.55
C TYR A 61 -0.54 -20.07 -1.27
N SER A 62 0.02 -20.88 -2.15
CA SER A 62 1.38 -20.67 -2.50
C SER A 62 1.57 -19.93 -3.82
N PHE A 63 0.63 -20.18 -4.76
CA PHE A 63 0.53 -19.49 -6.05
C PHE A 63 -0.94 -19.13 -6.28
N PRO A 64 -1.45 -18.11 -5.59
CA PRO A 64 -2.82 -17.65 -5.80
C PRO A 64 -3.12 -17.30 -7.27
N LEU A 65 -4.30 -17.71 -7.75
CA LEU A 65 -4.65 -17.46 -9.14
C LEU A 65 -4.55 -16.00 -9.46
N GLN A 66 -4.09 -15.63 -10.65
CA GLN A 66 -4.23 -14.25 -11.06
C GLN A 66 -5.30 -14.11 -12.11
N LEU A 67 -6.46 -13.58 -11.69
CA LEU A 67 -7.63 -13.52 -12.57
C LEU A 67 -7.97 -12.12 -13.13
N GLU A 68 -8.81 -12.09 -14.15
CA GLU A 68 -9.29 -10.87 -14.73
C GLU A 68 -10.28 -10.23 -13.76
N PRO A 69 -10.19 -8.91 -13.57
CA PRO A 69 -11.20 -8.21 -12.77
C PRO A 69 -12.64 -8.69 -12.94
N ASN A 83 -15.61 -17.83 -26.64
CA ASN A 83 -15.53 -16.83 -27.69
C ASN A 83 -14.83 -17.37 -28.95
N ARG A 84 -13.50 -17.25 -28.95
CA ARG A 84 -12.69 -17.47 -30.16
C ARG A 84 -11.59 -18.52 -29.94
N ALA A 85 -10.98 -18.95 -31.05
CA ALA A 85 -9.95 -19.99 -31.04
C ALA A 85 -8.59 -19.49 -30.56
N LEU A 86 -7.86 -20.40 -29.91
CA LEU A 86 -6.63 -20.08 -29.18
C LEU A 86 -5.62 -21.21 -29.33
N LEU A 87 -4.40 -20.86 -29.69
CA LEU A 87 -3.28 -21.78 -29.80
C LEU A 87 -2.60 -21.95 -28.43
N VAL A 88 -2.41 -23.18 -27.98
CA VAL A 88 -1.72 -23.36 -26.70
C VAL A 88 -0.63 -24.42 -26.80
N ASN A 89 0.53 -24.15 -26.22
CA ASN A 89 1.56 -25.14 -26.16
C ASN A 89 1.65 -25.75 -24.79
N VAL A 90 1.51 -27.07 -24.72
CA VAL A 90 1.62 -27.80 -23.46
C VAL A 90 2.75 -28.82 -23.47
N LYS A 91 3.39 -28.99 -22.32
CA LYS A 91 4.44 -29.99 -22.10
C LYS A 91 4.29 -30.58 -20.71
N PHE A 92 4.82 -31.79 -20.48
CA PHE A 92 4.73 -32.46 -19.19
C PHE A 92 6.04 -32.33 -18.45
N GLU A 93 6.03 -32.61 -17.14
CA GLU A 93 7.11 -32.16 -16.24
C GLU A 93 8.54 -32.62 -16.56
N GLY A 94 8.70 -33.81 -17.14
CA GLY A 94 10.06 -34.37 -17.31
C GLY A 94 10.66 -34.25 -18.70
N SER A 95 9.80 -34.18 -19.70
CA SER A 95 10.20 -34.15 -21.10
C SER A 95 10.26 -32.73 -21.68
N GLU A 96 11.01 -32.57 -22.77
CA GLU A 96 10.98 -31.35 -23.59
C GLU A 96 9.99 -31.47 -24.74
N GLU A 97 9.54 -32.70 -25.01
CA GLU A 97 8.44 -32.98 -25.92
C GLU A 97 7.15 -32.26 -25.51
N SER A 98 6.50 -31.62 -26.48
CA SER A 98 5.36 -30.74 -26.23
C SER A 98 4.34 -30.84 -27.36
N PHE A 99 3.13 -30.32 -27.13
CA PHE A 99 2.01 -30.40 -28.08
C PHE A 99 1.37 -29.03 -28.21
N THR A 100 0.85 -28.71 -29.38
CA THR A 100 0.26 -27.39 -29.56
C THR A 100 -1.23 -27.41 -29.91
N PHE A 101 -2.10 -27.29 -28.92
CA PHE A 101 -3.52 -27.37 -29.19
C PHE A 101 -4.15 -26.12 -29.78
N GLN A 102 -5.22 -26.39 -30.51
CA GLN A 102 -6.26 -25.43 -30.77
C GLN A 102 -7.18 -25.57 -29.55
N VAL A 103 -7.42 -24.48 -28.83
CA VAL A 103 -8.49 -24.48 -27.83
C VAL A 103 -9.40 -23.24 -27.89
N SER A 104 -10.46 -23.30 -27.10
CA SER A 104 -11.40 -22.25 -27.00
C SER A 104 -11.07 -21.46 -25.74
N THR A 105 -11.13 -20.14 -25.86
CA THR A 105 -10.96 -19.27 -24.71
C THR A 105 -12.05 -19.50 -23.64
N LYS A 106 -13.17 -20.10 -24.05
CA LYS A 106 -14.25 -20.43 -23.12
C LYS A 106 -14.03 -21.74 -22.34
N ASP A 107 -13.10 -22.56 -22.82
CA ASP A 107 -12.79 -23.81 -22.14
C ASP A 107 -12.19 -23.63 -20.76
N MET A 108 -12.61 -24.49 -19.82
CA MET A 108 -12.00 -24.64 -18.49
C MET A 108 -10.59 -25.28 -18.55
N PRO A 109 -9.70 -24.95 -17.58
CA PRO A 109 -8.39 -25.62 -17.59
C PRO A 109 -8.47 -27.17 -17.69
N LEU A 110 -9.43 -27.79 -17.03
CA LEU A 110 -9.55 -29.25 -17.05
C LEU A 110 -9.64 -29.85 -18.47
N ALA A 111 -10.49 -29.24 -19.29
CA ALA A 111 -10.59 -29.59 -20.70
C ALA A 111 -9.20 -29.68 -21.33
N LEU A 112 -8.41 -28.63 -21.17
CA LEU A 112 -7.08 -28.55 -21.75
C LEU A 112 -6.18 -29.65 -21.23
N MET A 113 -6.27 -29.89 -19.94
CA MET A 113 -5.45 -30.91 -19.34
C MET A 113 -5.84 -32.26 -19.91
N ALA A 114 -7.14 -32.48 -20.07
CA ALA A 114 -7.64 -33.73 -20.63
C ALA A 114 -7.01 -34.02 -22.00
N CYS A 115 -7.08 -33.02 -22.89
CA CYS A 115 -6.44 -33.04 -24.22
C CYS A 115 -4.97 -33.37 -24.21
N ALA A 116 -4.25 -32.70 -23.33
CA ALA A 116 -2.84 -32.95 -23.09
C ALA A 116 -2.62 -34.40 -22.64
N LEU A 117 -3.55 -34.94 -21.89
CA LEU A 117 -3.44 -36.30 -21.45
C LEU A 117 -3.69 -37.25 -22.60
N ARG A 118 -4.75 -37.00 -23.36
CA ARG A 118 -5.09 -37.82 -24.51
C ARG A 118 -4.00 -37.78 -25.56
N LYS A 119 -3.29 -36.65 -25.65
CA LYS A 119 -2.18 -36.56 -26.58
C LYS A 119 -0.99 -37.33 -26.05
N LYS A 120 -0.75 -37.22 -24.75
CA LYS A 120 0.29 -38.01 -24.08
C LYS A 120 0.06 -39.50 -24.29
N ALA A 121 -1.17 -39.93 -24.06
CA ALA A 121 -1.55 -41.34 -24.09
C ALA A 121 -1.39 -41.98 -25.46
N THR A 122 -1.37 -41.19 -26.51
CA THR A 122 -1.28 -41.76 -27.84
C THR A 122 0.17 -41.84 -28.34
N VAL A 123 0.88 -40.70 -28.34
CA VAL A 123 2.32 -40.67 -28.67
C VAL A 123 3.02 -41.75 -27.85
N PHE A 124 3.10 -41.51 -26.54
CA PHE A 124 3.52 -42.54 -25.61
C PHE A 124 2.31 -43.49 -25.46
N ARG A 125 2.34 -44.59 -26.23
CA ARG A 125 1.18 -45.48 -26.37
C ARG A 125 0.48 -45.82 -25.07
N GLN A 126 -0.84 -45.78 -25.12
CA GLN A 126 -1.66 -45.54 -23.94
C GLN A 126 -1.84 -46.67 -22.95
N PRO A 127 -1.34 -46.47 -21.72
CA PRO A 127 -2.10 -46.99 -20.58
C PRO A 127 -3.60 -46.55 -20.71
N LEU A 128 -4.03 -45.32 -20.32
CA LEU A 128 -3.28 -44.33 -19.52
C LEU A 128 -4.09 -43.90 -18.28
N GLU A 130 -5.42 -42.16 -15.64
CA GLU A 130 -4.82 -40.91 -15.14
C GLU A 130 -5.70 -39.70 -15.46
N GLN A 131 -6.39 -39.16 -14.44
CA GLN A 131 -7.47 -38.20 -14.69
C GLN A 131 -6.98 -36.75 -14.68
N PRO A 132 -7.62 -35.88 -15.49
CA PRO A 132 -7.20 -34.48 -15.53
C PRO A 132 -7.17 -33.83 -14.14
N GLU A 133 -8.06 -34.28 -13.26
CA GLU A 133 -8.20 -33.76 -11.89
C GLU A 133 -7.03 -34.06 -10.95
N GLU A 134 -5.92 -34.52 -11.54
CA GLU A 134 -4.70 -34.84 -10.83
C GLU A 134 -3.62 -33.82 -11.08
N TYR A 135 -3.93 -32.80 -11.84
CA TYR A 135 -2.89 -31.98 -12.37
C TYR A 135 -3.26 -30.56 -12.24
N ALA A 136 -2.27 -29.71 -12.37
CA ALA A 136 -2.51 -28.31 -12.56
C ALA A 136 -1.53 -27.76 -13.60
N LEU A 137 -1.92 -26.69 -14.26
CA LEU A 137 -1.12 -26.16 -15.33
C LEU A 137 -0.29 -25.05 -14.76
N GLN A 138 1.03 -25.15 -14.88
CA GLN A 138 1.97 -24.11 -14.43
C GLN A 138 2.43 -23.22 -15.58
N VAL A 139 2.48 -21.90 -15.41
CA VAL A 139 3.00 -21.04 -16.50
C VAL A 139 4.51 -21.27 -16.62
N ASN A 140 4.97 -21.62 -17.83
CA ASN A 140 6.39 -21.89 -18.00
C ASN A 140 7.26 -20.79 -17.41
N GLY A 141 8.01 -21.13 -16.37
CA GLY A 141 9.09 -20.27 -15.95
C GLY A 141 8.61 -19.07 -15.17
N ARG A 142 7.50 -19.30 -14.44
CA ARG A 142 6.89 -18.33 -13.57
C ARG A 142 6.31 -19.07 -12.42
N HIS A 143 6.14 -18.36 -11.30
CA HIS A 143 5.38 -18.87 -10.18
C HIS A 143 3.90 -18.57 -10.30
N GLU A 144 3.29 -19.12 -11.35
CA GLU A 144 1.88 -18.95 -11.68
C GLU A 144 1.37 -20.35 -12.05
N TYR A 145 0.09 -20.61 -11.76
CA TYR A 145 -0.59 -21.82 -12.13
C TYR A 145 -1.97 -21.44 -12.55
N LEU A 146 -2.63 -22.37 -13.23
CA LEU A 146 -3.98 -22.21 -13.73
C LEU A 146 -4.69 -23.51 -13.42
N TYR A 147 -5.85 -23.36 -12.78
CA TYR A 147 -6.65 -24.41 -12.19
C TYR A 147 -7.95 -23.72 -11.74
N GLY A 148 -8.87 -24.43 -11.09
CA GLY A 148 -10.16 -23.84 -10.76
C GLY A 148 -11.13 -23.81 -11.94
N ASN A 149 -12.43 -23.67 -11.67
CA ASN A 149 -13.40 -23.72 -12.76
C ASN A 149 -13.49 -22.38 -13.38
N TYR A 150 -12.54 -22.05 -14.25
CA TYR A 150 -12.60 -20.77 -14.93
C TYR A 150 -12.38 -20.91 -16.43
N PRO A 151 -13.08 -20.06 -17.21
CA PRO A 151 -12.82 -19.88 -18.61
C PRO A 151 -11.38 -19.51 -18.74
N LEU A 152 -10.72 -20.00 -19.78
CA LEU A 152 -9.29 -19.83 -19.89
C LEU A 152 -8.88 -18.37 -19.96
N CYS A 153 -9.71 -17.57 -20.62
CA CYS A 153 -9.42 -16.16 -20.73
C CYS A 153 -9.88 -15.33 -19.53
N HIS A 154 -10.27 -15.97 -18.43
CA HIS A 154 -10.43 -15.23 -17.18
C HIS A 154 -9.07 -15.13 -16.51
N PHE A 155 -8.11 -15.89 -17.02
CA PHE A 155 -6.79 -15.94 -16.41
C PHE A 155 -5.91 -14.87 -17.02
N GLN A 156 -5.35 -14.02 -16.15
CA GLN A 156 -4.53 -12.90 -16.57
C GLN A 156 -3.48 -13.29 -17.63
N TYR A 157 -2.68 -14.31 -17.33
CA TYR A 157 -1.62 -14.73 -18.25
C TYR A 157 -2.21 -15.06 -19.62
N ILE A 158 -3.24 -15.90 -19.66
CA ILE A 158 -3.90 -16.24 -20.92
C ILE A 158 -4.27 -14.94 -21.66
N CYS A 159 -4.88 -13.98 -20.97
CA CYS A 159 -5.19 -12.66 -21.55
C CYS A 159 -4.03 -11.90 -22.21
N SER A 160 -2.99 -11.70 -21.41
CA SER A 160 -1.74 -11.12 -21.85
C SER A 160 -1.39 -11.56 -23.29
N CYS A 161 -1.25 -12.86 -23.46
CA CYS A 161 -0.98 -13.50 -24.75
C CYS A 161 -1.96 -13.14 -25.86
N LEU A 162 -3.25 -13.19 -25.53
CA LEU A 162 -4.32 -12.89 -26.48
C LEU A 162 -4.11 -11.51 -27.10
N HIS A 163 -4.17 -10.47 -26.27
CA HIS A 163 -3.95 -9.09 -26.68
C HIS A 163 -2.62 -8.91 -27.43
N SER A 164 -1.58 -9.58 -26.93
CA SER A 164 -0.23 -9.46 -27.48
C SER A 164 0.21 -10.64 -28.36
N GLY A 165 -0.73 -11.28 -29.08
CA GLY A 165 -0.38 -12.30 -30.09
C GLY A 165 0.12 -13.65 -29.59
N LEU A 166 1.16 -13.63 -28.74
CA LEU A 166 1.82 -14.82 -28.17
C LEU A 166 0.99 -16.09 -27.91
N THR A 167 1.69 -17.22 -27.84
CA THR A 167 1.11 -18.54 -27.55
C THR A 167 1.46 -19.01 -26.13
N PRO A 168 0.44 -19.28 -25.30
CA PRO A 168 0.63 -19.79 -23.94
C PRO A 168 1.52 -21.02 -23.82
N HIS A 169 2.57 -20.92 -23.01
CA HIS A 169 3.35 -22.10 -22.72
C HIS A 169 3.14 -22.58 -21.29
N LEU A 170 2.47 -23.72 -21.15
CA LEU A 170 2.18 -24.28 -19.83
C LEU A 170 2.79 -25.65 -19.66
N THR A 171 2.86 -26.09 -18.40
CA THR A 171 3.40 -27.39 -18.05
C THR A 171 2.45 -28.17 -17.14
N MET A 172 2.17 -29.41 -17.53
CA MET A 172 1.32 -30.30 -16.74
C MET A 172 2.10 -30.73 -15.51
N VAL A 173 1.66 -30.23 -14.36
CA VAL A 173 2.30 -30.67 -13.11
C VAL A 173 1.40 -31.65 -12.34
N HIS A 174 1.92 -32.85 -12.15
CA HIS A 174 1.15 -33.86 -11.45
C HIS A 174 1.02 -33.45 -9.99
N SER A 175 -0.07 -33.87 -9.35
CA SER A 175 -0.31 -33.54 -7.95
C SER A 175 0.81 -33.95 -7.03
N SER A 176 1.43 -35.11 -7.24
CA SER A 176 2.41 -35.57 -6.25
C SER A 176 3.68 -34.67 -6.24
N SER A 177 3.95 -34.08 -7.40
CA SER A 177 5.00 -33.07 -7.56
C SER A 177 4.77 -31.82 -6.66
N ILE A 178 3.55 -31.31 -6.68
CA ILE A 178 3.12 -30.25 -5.76
C ILE A 178 3.28 -30.68 -4.29
N LEU A 179 2.78 -31.86 -3.94
CA LEU A 179 2.92 -32.32 -2.58
C LEU A 179 4.38 -32.45 -2.15
N ALA A 180 5.28 -32.74 -3.10
CA ALA A 180 6.72 -32.65 -2.81
C ALA A 180 7.15 -31.21 -2.47
N MET A 181 6.59 -30.23 -3.16
CA MET A 181 6.78 -28.81 -2.81
C MET A 181 6.34 -28.57 -1.37
N ARG A 182 5.08 -28.89 -1.09
CA ARG A 182 4.53 -28.62 0.24
C ARG A 182 5.44 -29.22 1.28
N ASP A 183 5.97 -30.38 0.97
CA ASP A 183 6.80 -31.08 1.92
C ASP A 183 8.12 -30.41 2.20
N GLU A 184 8.72 -29.80 1.18
CA GLU A 184 10.07 -29.24 1.31
C GLU A 184 10.06 -27.84 1.92
N GLN A 185 8.88 -27.37 2.32
CA GLN A 185 8.76 -26.04 2.90
C GLN A 185 8.33 -26.13 4.36
N SER A 186 8.41 -27.34 4.92
CA SER A 186 8.06 -27.60 6.32
C SER A 186 9.10 -27.04 7.28
N ASN A 187 8.60 -26.44 8.37
CA ASN A 187 9.36 -25.46 9.18
C ASN A 187 10.70 -25.87 9.84
N LEU A 212 -11.86 1.64 38.16
CA LEU A 212 -13.16 1.77 38.79
C LEU A 212 -13.81 3.18 38.71
N TRP A 213 -15.13 3.19 38.57
CA TRP A 213 -15.94 4.42 38.67
C TRP A 213 -15.80 5.07 40.06
N SER A 214 -15.16 4.37 40.99
CA SER A 214 -15.09 4.79 42.40
C SER A 214 -14.23 6.03 42.60
N LEU A 215 -13.46 6.38 41.59
CA LEU A 215 -12.44 7.36 41.78
C LEU A 215 -12.83 8.67 41.12
N GLU A 216 -13.55 9.49 41.88
CA GLU A 216 -14.16 10.73 41.39
C GLU A 216 -13.26 11.95 41.29
N GLN A 217 -12.15 11.97 42.04
CA GLN A 217 -11.24 13.11 42.08
C GLN A 217 -10.77 13.47 40.69
N PRO A 218 -10.35 14.72 40.47
CA PRO A 218 -9.82 15.12 39.17
C PRO A 218 -8.54 14.36 38.83
N PHE A 219 -8.13 14.41 37.57
CA PHE A 219 -6.92 13.72 37.20
C PHE A 219 -5.71 14.64 37.13
N SER A 220 -4.70 14.29 37.92
CA SER A 220 -3.49 15.05 38.07
C SER A 220 -2.23 14.25 37.66
N ILE A 221 -1.20 14.97 37.23
CA ILE A 221 0.17 14.43 37.17
C ILE A 221 1.12 15.43 37.81
N GLU A 222 2.36 15.00 38.05
CA GLU A 222 3.39 15.90 38.44
C GLU A 222 4.39 16.04 37.29
N LEU A 223 4.77 17.29 37.01
CA LEU A 223 5.77 17.60 35.99
C LEU A 223 7.05 18.05 36.70
N ILE A 224 8.02 17.15 36.81
CA ILE A 224 9.19 17.47 37.65
C ILE A 224 10.22 18.33 36.90
N GLU A 225 10.74 17.82 35.76
CA GLU A 225 11.98 18.38 35.16
C GLU A 225 12.37 17.81 33.77
N GLY A 226 13.48 18.30 33.16
CA GLY A 226 13.96 17.88 31.80
C GLY A 226 15.46 18.02 31.42
N ARG A 227 15.84 17.71 30.16
CA ARG A 227 17.28 17.68 29.71
C ARG A 227 17.68 17.86 28.20
N LYS A 228 17.87 19.12 27.79
CA LYS A 228 17.69 19.53 26.39
C LYS A 228 18.14 20.95 25.99
N VAL A 229 17.95 21.35 24.72
CA VAL A 229 18.61 22.56 24.14
C VAL A 229 17.74 23.67 23.47
N ASN A 230 17.98 24.95 23.81
CA ASN A 230 17.45 26.15 23.05
C ASN A 230 18.03 27.54 23.41
N ALA A 231 17.45 28.63 22.87
CA ALA A 231 18.03 30.02 22.95
C ALA A 231 18.00 30.60 24.34
N MET A 235 15.29 33.76 26.98
CA MET A 235 13.96 33.18 26.70
C MET A 235 13.49 32.20 27.78
N LYS A 236 12.31 31.61 27.56
CA LYS A 236 11.62 30.83 28.62
C LYS A 236 10.92 29.57 28.12
N LEU A 237 10.82 28.59 29.01
CA LEU A 237 10.28 27.30 28.64
C LEU A 237 8.98 26.98 29.32
N VAL A 238 8.07 26.41 28.53
CA VAL A 238 6.74 26.02 28.93
C VAL A 238 6.55 24.62 28.41
N VAL A 239 5.75 23.82 29.10
CA VAL A 239 5.25 22.56 28.56
C VAL A 239 3.75 22.68 28.53
N GLN A 240 3.08 22.30 27.47
CA GLN A 240 1.66 22.14 27.66
C GLN A 240 1.27 20.68 27.51
N ALA A 241 0.19 20.31 28.18
CA ALA A 241 -0.29 18.95 28.27
C ALA A 241 -1.73 18.95 27.78
N GLY A 242 -2.28 17.76 27.50
CA GLY A 242 -3.70 17.65 27.14
C GLY A 242 -4.05 16.19 27.09
N LEU A 243 -5.34 15.89 27.16
CA LEU A 243 -5.77 14.52 27.10
C LEU A 243 -6.54 14.28 25.85
N PHE A 244 -6.04 13.37 25.02
CA PHE A 244 -6.82 13.02 23.85
C PHE A 244 -7.38 11.61 23.87
N HIS A 245 -8.57 11.52 23.30
CA HIS A 245 -9.17 10.29 22.81
C HIS A 245 -9.39 10.50 21.30
N GLY A 246 -8.44 9.95 20.54
CA GLY A 246 -8.35 10.13 19.09
C GLY A 246 -7.92 11.54 18.84
N ASN A 247 -8.55 12.16 17.84
CA ASN A 247 -8.35 13.57 17.53
C ASN A 247 -9.04 14.43 18.55
N GLU A 248 -9.84 13.80 19.41
CA GLU A 248 -10.60 14.53 20.40
C GLU A 248 -9.93 14.75 21.74
N MET A 249 -10.02 16.00 22.19
CA MET A 249 -9.54 16.38 23.49
C MET A 249 -10.60 15.97 24.48
N LEU A 250 -10.21 15.36 25.58
CA LEU A 250 -11.19 14.98 26.59
C LEU A 250 -11.45 16.09 27.62
N CYS A 251 -10.78 17.23 27.46
CA CYS A 251 -10.98 18.45 28.27
C CYS A 251 -9.94 19.48 27.90
N LYS A 252 -10.08 20.68 28.46
CA LYS A 252 -9.11 21.75 28.23
C LYS A 252 -7.70 21.31 28.57
N THR A 253 -6.75 21.69 27.73
CA THR A 253 -5.35 21.32 27.97
C THR A 253 -4.86 22.14 29.15
N VAL A 254 -3.73 21.77 29.74
CA VAL A 254 -3.19 22.59 30.83
C VAL A 254 -1.74 22.97 30.52
N SER A 255 -1.30 24.12 31.03
CA SER A 255 0.06 24.59 30.75
C SER A 255 1.01 24.59 31.95
N SER A 256 2.30 24.67 31.64
CA SER A 256 3.35 24.80 32.64
C SER A 256 3.62 26.27 32.89
N SER A 257 4.18 26.59 34.05
CA SER A 257 4.52 27.97 34.34
C SER A 257 5.86 28.36 33.71
N GLU A 258 6.08 29.66 33.47
CA GLU A 258 7.25 30.10 32.72
C GLU A 258 8.58 29.96 33.49
N VAL A 259 9.45 29.12 32.95
CA VAL A 259 10.75 28.80 33.56
C VAL A 259 11.86 29.19 32.58
N ASN A 260 13.00 29.58 33.15
CA ASN A 260 14.15 30.03 32.37
C ASN A 260 14.76 29.01 31.40
N VAL A 261 15.35 29.50 30.30
CA VAL A 261 15.77 28.68 29.15
C VAL A 261 17.01 27.76 29.33
N CYS A 262 17.30 27.30 30.55
CA CYS A 262 18.44 26.36 30.76
C CYS A 262 18.31 24.99 30.04
N SER A 263 19.17 24.04 30.38
CA SER A 263 19.20 22.74 29.71
C SER A 263 18.65 21.64 30.59
N GLU A 264 18.58 21.90 31.88
CA GLU A 264 18.05 20.94 32.81
C GLU A 264 16.96 21.57 33.69
N PRO A 265 15.82 21.92 33.07
CA PRO A 265 14.76 22.68 33.73
C PRO A 265 14.14 21.91 34.87
N VAL A 266 13.57 22.63 35.84
CA VAL A 266 12.92 22.02 36.98
C VAL A 266 11.58 22.74 37.23
N TRP A 267 10.48 22.02 37.05
CA TRP A 267 9.17 22.58 37.39
C TRP A 267 8.67 22.07 38.73
N LYS A 268 8.70 20.75 38.92
CA LYS A 268 8.11 20.09 40.10
C LYS A 268 6.63 20.50 40.28
N GLN A 269 5.97 20.85 39.15
CA GLN A 269 4.57 21.31 39.15
C GLN A 269 3.60 20.16 39.35
N ARG A 270 2.43 20.49 39.93
CA ARG A 270 1.22 19.65 39.85
C ARG A 270 0.39 20.10 38.65
N LEU A 271 -0.26 19.16 37.95
CA LEU A 271 -1.15 19.48 36.83
C LEU A 271 -2.43 18.68 36.86
N GLU A 272 -3.51 19.36 37.24
CA GLU A 272 -4.82 18.76 37.38
C GLU A 272 -5.77 19.08 36.21
N PHE A 273 -6.41 18.04 35.70
CA PHE A 273 -7.24 18.16 34.51
C PHE A 273 -8.71 18.19 34.85
N ASP A 274 -9.50 18.76 33.94
CA ASP A 274 -10.93 18.99 34.18
C ASP A 274 -11.78 17.75 33.82
N ILE A 275 -11.27 16.57 34.16
CA ILE A 275 -12.03 15.33 34.05
C ILE A 275 -11.81 14.49 35.28
N SER A 276 -12.84 13.74 35.64
CA SER A 276 -12.73 12.79 36.74
C SER A 276 -11.87 11.64 36.26
N VAL A 277 -11.28 10.94 37.21
CA VAL A 277 -10.37 9.85 36.91
C VAL A 277 -11.19 8.65 36.49
N CYS A 278 -12.23 8.35 37.27
CA CYS A 278 -13.12 7.23 36.97
C CYS A 278 -13.84 7.39 35.61
N ASP A 279 -13.57 8.49 34.92
CA ASP A 279 -14.14 8.69 33.60
C ASP A 279 -13.22 8.31 32.45
N LEU A 280 -11.91 8.45 32.64
CA LEU A 280 -10.95 8.19 31.56
C LEU A 280 -11.35 6.97 30.71
N PRO A 281 -11.41 7.13 29.35
CA PRO A 281 -11.75 5.94 28.55
C PRO A 281 -10.51 5.08 28.32
N ARG A 282 -10.74 3.78 28.18
CA ARG A 282 -9.68 2.78 28.14
C ARG A 282 -8.52 3.18 27.24
N MET A 283 -8.80 4.10 26.33
CA MET A 283 -7.86 4.54 25.31
C MET A 283 -7.38 5.96 25.54
N ALA A 284 -7.39 6.41 26.77
CA ALA A 284 -7.03 7.79 27.02
C ALA A 284 -5.54 8.04 26.77
N ARG A 285 -5.26 9.13 26.09
CA ARG A 285 -3.93 9.45 25.59
C ARG A 285 -3.44 10.81 26.12
N LEU A 286 -2.32 10.81 26.85
CA LEU A 286 -1.75 12.03 27.45
C LEU A 286 -0.63 12.62 26.57
N CYS A 287 -0.74 13.90 26.23
CA CYS A 287 0.16 14.50 25.23
C CYS A 287 0.83 15.75 25.70
N PHE A 288 2.12 15.88 25.41
CA PHE A 288 2.90 17.05 25.83
C PHE A 288 3.52 17.74 24.66
N ALA A 289 3.76 19.04 24.78
CA ALA A 289 4.57 19.75 23.82
C ALA A 289 5.48 20.68 24.59
N LEU A 290 6.74 20.75 24.18
CA LEU A 290 7.76 21.53 24.91
C LEU A 290 8.31 22.59 24.01
N TYR A 291 8.17 23.84 24.44
CA TYR A 291 8.63 24.93 23.61
C TYR A 291 9.18 26.11 24.37
N ALA A 292 9.74 27.03 23.61
CA ALA A 292 10.33 28.21 24.18
C ALA A 292 9.43 29.36 23.82
N VAL A 293 9.54 30.44 24.60
CA VAL A 293 8.75 31.66 24.37
C VAL A 293 9.53 32.95 24.69
N VAL A 294 8.92 34.08 24.29
CA VAL A 294 9.58 35.39 24.19
C VAL A 294 9.90 36.10 25.53
N ASP A 311 6.87 31.97 18.85
CA ASP A 311 7.00 30.72 19.61
C ASP A 311 7.87 29.67 18.95
N CYS A 312 8.70 29.03 19.77
CA CYS A 312 9.61 28.05 19.26
C CYS A 312 9.21 26.66 19.75
N PRO A 313 8.76 25.79 18.84
CA PRO A 313 8.51 24.40 19.28
C PRO A 313 9.84 23.71 19.49
N ILE A 314 10.01 23.01 20.60
CA ILE A 314 11.21 22.22 20.72
C ILE A 314 11.03 20.68 20.61
N ALA A 315 10.07 20.10 21.32
CA ALA A 315 9.86 18.64 21.23
C ALA A 315 8.48 18.22 21.71
N TRP A 316 8.10 16.99 21.41
CA TRP A 316 6.81 16.44 21.84
C TRP A 316 6.92 15.01 22.40
N ALA A 317 5.83 14.51 23.00
CA ALA A 317 5.84 13.23 23.72
C ALA A 317 4.43 12.85 24.17
N ASN A 318 4.04 11.60 23.92
CA ASN A 318 2.71 11.06 24.28
C ASN A 318 2.78 9.70 24.96
N LEU A 319 1.93 9.44 25.95
CA LEU A 319 1.72 8.03 26.41
C LEU A 319 0.27 7.62 26.75
N MET A 320 -0.08 6.33 26.59
CA MET A 320 -1.35 5.77 27.10
C MET A 320 -1.35 5.86 28.63
N LEU A 321 -2.48 6.24 29.24
CA LEU A 321 -2.60 6.24 30.72
C LEU A 321 -2.91 4.88 31.35
N PHE A 322 -3.39 3.94 30.55
CA PHE A 322 -3.51 2.57 31.00
C PHE A 322 -2.45 1.78 30.27
N ASP A 323 -1.67 1.01 31.03
CA ASP A 323 -0.75 0.04 30.44
C ASP A 323 -1.47 -0.98 29.56
N TYR A 324 -0.70 -1.81 28.89
CA TYR A 324 -1.28 -2.74 27.96
C TYR A 324 -2.02 -3.91 28.61
N LYS A 325 -1.94 -4.04 29.92
CA LYS A 325 -2.79 -5.02 30.60
C LYS A 325 -3.88 -4.26 31.33
N ASP A 326 -4.17 -3.06 30.81
CA ASP A 326 -5.25 -2.20 31.28
C ASP A 326 -5.06 -1.63 32.68
N GLN A 327 -3.83 -1.62 33.18
CA GLN A 327 -3.64 -1.04 34.51
C GLN A 327 -3.48 0.45 34.36
N LEU A 328 -4.19 1.22 35.18
CA LEU A 328 -3.92 2.63 35.23
C LEU A 328 -2.47 2.76 35.68
N LYS A 329 -1.72 3.58 34.96
CA LYS A 329 -0.30 3.72 35.25
C LYS A 329 -0.06 4.67 36.40
N THR A 330 1.07 4.41 37.08
CA THR A 330 1.62 5.19 38.17
C THR A 330 3.02 4.59 38.32
N GLY A 331 3.98 5.30 38.92
CA GLY A 331 3.91 6.71 39.26
C GLY A 331 4.91 7.54 38.46
N GLU A 332 6.19 7.21 38.52
CA GLU A 332 7.21 8.00 37.80
C GLU A 332 7.45 7.57 36.36
N ARG A 333 7.37 8.51 35.43
CA ARG A 333 7.83 8.22 34.07
C ARG A 333 8.87 9.23 33.62
N CYS A 334 9.88 8.72 32.93
CA CYS A 334 10.83 9.57 32.22
C CYS A 334 10.49 9.54 30.75
N LEU A 335 10.36 10.69 30.12
CA LEU A 335 9.86 10.70 28.74
C LEU A 335 10.87 11.17 27.70
N TYR A 336 11.41 10.23 26.94
CA TYR A 336 12.39 10.57 25.92
C TYR A 336 11.65 11.10 24.68
N MET A 337 11.75 12.41 24.45
CA MET A 337 10.92 13.08 23.47
C MET A 337 11.44 13.05 22.02
N TRP A 338 10.54 13.41 21.11
CA TRP A 338 10.81 13.54 19.68
C TRP A 338 10.97 15.03 19.33
N PRO A 339 11.93 15.35 18.44
CA PRO A 339 12.26 16.66 17.86
C PRO A 339 11.05 17.31 17.27
N SER A 340 11.10 18.59 16.93
CA SER A 340 9.82 19.23 16.66
C SER A 340 9.63 19.95 15.33
N VAL A 341 9.62 19.13 14.29
CA VAL A 341 9.01 19.45 12.97
C VAL A 341 9.60 20.71 12.32
N GLU A 347 -1.54 23.78 18.19
CA GLU A 347 -1.12 22.98 17.05
C GLU A 347 0.26 22.37 17.31
N LEU A 348 0.78 22.67 18.50
CA LEU A 348 2.05 22.13 18.99
C LEU A 348 1.85 20.68 19.40
N LEU A 349 0.66 20.39 19.94
CA LEU A 349 0.28 19.07 20.42
C LEU A 349 0.07 18.09 19.26
N ASN A 350 0.56 16.87 19.42
CA ASN A 350 0.54 15.85 18.37
C ASN A 350 0.00 14.51 18.88
N PRO A 351 -1.34 14.42 19.06
CA PRO A 351 -1.99 13.25 19.64
C PRO A 351 -1.85 12.02 18.78
N ALA A 352 -1.73 12.22 17.46
CA ALA A 352 -1.50 11.10 16.53
C ALA A 352 -0.13 10.42 16.72
N GLY A 353 0.90 11.19 17.10
CA GLY A 353 2.26 10.65 17.13
C GLY A 353 2.42 9.42 17.99
N THR A 354 3.49 8.67 17.80
CA THR A 354 3.67 7.41 18.50
C THR A 354 3.53 7.55 20.02
N VAL A 355 3.00 6.55 20.69
CA VAL A 355 2.99 6.66 22.16
C VAL A 355 4.13 5.89 22.74
N ARG A 356 5.14 5.58 21.93
CA ARG A 356 6.39 5.15 22.54
C ARG A 356 7.48 6.21 22.38
N GLY A 357 8.40 6.23 23.33
CA GLY A 357 9.35 7.31 23.38
C GLY A 357 10.50 7.18 22.42
N ASN A 358 11.23 8.25 22.27
CA ASN A 358 12.36 8.30 21.36
C ASN A 358 13.39 7.25 21.76
N PRO A 359 13.83 6.40 20.82
CA PRO A 359 14.85 5.44 21.25
C PRO A 359 16.26 6.07 21.34
N ASN A 360 16.45 7.28 20.79
CA ASN A 360 17.74 7.97 20.90
C ASN A 360 18.00 8.49 22.32
N THR A 361 18.06 7.59 23.29
CA THR A 361 18.04 8.03 24.69
C THR A 361 19.30 8.79 25.14
N GLU A 362 20.31 8.91 24.26
CA GLU A 362 21.50 9.67 24.62
C GLU A 362 21.45 11.11 24.10
N SER A 363 20.33 11.50 23.50
CA SER A 363 20.25 12.79 22.80
C SER A 363 18.85 13.37 22.81
N ALA A 364 17.87 12.52 23.03
CA ALA A 364 16.54 13.02 23.20
C ALA A 364 16.48 13.80 24.49
N ALA A 365 15.88 14.99 24.38
CA ALA A 365 15.33 15.68 25.54
C ALA A 365 14.44 14.71 26.34
N ALA A 366 14.58 14.72 27.65
CA ALA A 366 13.77 13.84 28.50
C ALA A 366 12.88 14.70 29.37
N LEU A 367 11.62 14.28 29.53
CA LEU A 367 10.72 14.86 30.52
C LEU A 367 10.35 13.82 31.55
N VAL A 368 10.76 14.04 32.80
CA VAL A 368 10.27 13.21 33.89
C VAL A 368 8.92 13.73 34.33
N ILE A 369 7.97 12.81 34.46
CA ILE A 369 6.69 13.12 35.07
C ILE A 369 6.37 12.15 36.19
N TYR A 370 5.30 12.45 36.93
CA TYR A 370 4.80 11.53 37.95
C TYR A 370 3.28 11.30 37.92
N LEU A 371 2.94 10.02 37.79
CA LEU A 371 1.58 9.52 37.74
C LEU A 371 1.12 9.16 39.15
N PRO A 372 0.33 10.04 39.79
CA PRO A 372 -0.11 9.88 41.18
C PRO A 372 -0.71 8.51 41.45
N GLU A 373 -0.51 7.97 42.65
CA GLU A 373 -1.27 6.80 43.06
C GLU A 373 -2.61 7.16 43.71
N VAL A 374 -3.59 6.30 43.48
CA VAL A 374 -4.97 6.58 43.84
C VAL A 374 -5.59 5.34 44.49
N ALA A 375 -4.77 4.60 45.25
CA ALA A 375 -5.19 3.38 45.95
C ALA A 375 -4.05 2.58 46.56
N PRO A 378 -4.39 -1.71 43.35
CA PRO A 378 -4.26 -1.40 41.93
C PRO A 378 -5.62 -1.36 41.26
N VAL A 379 -5.67 -0.73 40.07
CA VAL A 379 -6.92 -0.38 39.40
C VAL A 379 -6.90 -0.77 37.91
N TYR A 380 -7.77 -1.69 37.51
CA TYR A 380 -7.82 -2.24 36.15
C TYR A 380 -9.08 -1.77 35.45
N PHE A 381 -8.95 -1.26 34.22
CA PHE A 381 -10.13 -0.80 33.50
C PHE A 381 -11.16 -1.93 33.42
N PRO A 382 -12.45 -1.64 33.68
CA PRO A 382 -13.41 -2.73 33.88
C PRO A 382 -13.51 -3.69 32.72
N ALA A 383 -13.80 -4.95 33.06
CA ALA A 383 -14.11 -5.97 32.06
C ALA A 383 -15.40 -5.57 31.32
N LEU A 384 -15.53 -5.99 30.05
CA LEU A 384 -16.75 -5.69 29.29
C LEU A 384 -17.98 -6.08 30.10
N GLU A 385 -17.87 -7.24 30.72
CA GLU A 385 -18.88 -7.81 31.57
C GLU A 385 -19.56 -6.76 32.45
N LYS A 386 -18.75 -5.92 33.10
CA LYS A 386 -19.28 -4.81 33.89
C LYS A 386 -19.79 -3.69 32.98
N ILE A 387 -18.96 -3.18 32.07
CA ILE A 387 -19.41 -2.17 31.08
C ILE A 387 -20.83 -2.44 30.59
N LEU A 388 -21.03 -3.65 30.07
CA LEU A 388 -22.33 -4.14 29.58
C LEU A 388 -23.46 -4.07 30.61
N GLU A 389 -23.12 -4.24 31.88
CA GLU A 389 -24.06 -3.98 32.97
C GLU A 389 -24.48 -2.52 32.93
N LEU A 390 -23.51 -1.64 32.75
CA LEU A 390 -23.79 -0.23 32.66
C LEU A 390 -24.14 0.13 31.20
N GLU A 401 -40.74 10.12 19.21
CA GLU A 401 -41.23 11.24 18.38
C GLU A 401 -41.06 10.88 16.90
N GLU A 402 -41.85 11.49 16.03
CA GLU A 402 -41.88 11.08 14.62
C GLU A 402 -41.00 11.92 13.66
N GLU A 403 -39.68 11.86 13.86
CA GLU A 403 -38.69 12.61 13.06
C GLU A 403 -37.63 11.70 12.46
N LEU A 407 -36.85 13.17 10.45
CA LEU A 407 -36.10 14.41 10.25
C LEU A 407 -34.64 14.20 10.59
N ARG A 408 -34.40 13.30 11.54
CA ARG A 408 -33.07 12.79 11.82
C ARG A 408 -32.42 12.21 10.57
N GLU A 409 -33.27 11.68 9.69
CA GLU A 409 -32.84 11.24 8.38
C GLU A 409 -32.35 12.43 7.57
N ILE A 410 -33.14 13.51 7.52
CA ILE A 410 -32.74 14.71 6.76
C ILE A 410 -31.33 15.13 7.14
N LEU A 411 -30.98 14.95 8.41
CA LEU A 411 -29.68 15.37 8.87
C LEU A 411 -28.64 14.28 8.55
N GLU A 412 -29.11 13.10 8.18
CA GLU A 412 -28.23 11.96 8.03
C GLU A 412 -27.71 11.73 6.60
N ARG A 413 -26.99 12.72 6.06
CA ARG A 413 -26.40 12.62 4.71
C ARG A 413 -25.07 13.35 4.53
N SER A 416 -21.20 15.89 4.10
CA SER A 416 -20.16 16.52 4.90
C SER A 416 -20.01 15.79 6.25
N GLY A 417 -21.09 15.79 7.02
CA GLY A 417 -21.15 15.02 8.26
C GLY A 417 -20.76 15.81 9.50
N GLU A 418 -20.35 17.07 9.29
CA GLU A 418 -20.08 18.00 10.38
C GLU A 418 -21.40 18.62 10.72
N LEU A 419 -21.68 18.75 12.02
CA LEU A 419 -23.03 19.09 12.49
C LEU A 419 -23.06 19.91 13.79
N TYR A 420 -24.03 20.82 13.89
CA TYR A 420 -24.23 21.63 15.10
C TYR A 420 -24.61 20.80 16.31
N GLU A 421 -24.61 21.43 17.49
CA GLU A 421 -24.77 20.71 18.73
C GLU A 421 -26.12 20.02 18.83
N HIS A 422 -27.22 20.77 18.77
CA HIS A 422 -28.54 20.15 18.90
C HIS A 422 -28.64 18.88 18.02
N GLU A 423 -28.10 18.96 16.79
CA GLU A 423 -28.08 17.84 15.84
C GLU A 423 -27.48 16.54 16.39
N LYS A 424 -26.35 16.66 17.08
CA LYS A 424 -25.67 15.54 17.74
C LYS A 424 -26.49 14.98 18.89
N ASP A 425 -27.06 15.87 19.67
CA ASP A 425 -27.88 15.47 20.79
C ASP A 425 -29.06 14.64 20.30
N LEU A 426 -29.60 15.03 19.15
CA LEU A 426 -30.64 14.24 18.52
C LEU A 426 -30.17 12.81 18.24
N VAL A 427 -29.05 12.69 17.54
CA VAL A 427 -28.51 11.39 17.16
C VAL A 427 -28.36 10.52 18.39
N TRP A 428 -27.86 11.12 19.46
CA TRP A 428 -27.55 10.37 20.64
C TRP A 428 -28.83 9.85 21.25
N LYS A 429 -29.83 10.72 21.33
CA LYS A 429 -31.14 10.34 21.80
C LYS A 429 -31.71 9.23 20.94
N MET A 430 -31.51 9.36 19.63
CA MET A 430 -32.08 8.42 18.70
C MET A 430 -31.27 7.15 18.51
N ARG A 431 -30.19 6.98 19.26
CA ARG A 431 -29.20 5.94 18.96
C ARG A 431 -29.73 4.51 18.83
N HIS A 432 -30.80 4.15 19.52
CA HIS A 432 -31.34 2.80 19.32
C HIS A 432 -32.05 2.69 17.97
N GLU A 433 -32.52 3.81 17.45
CA GLU A 433 -33.10 3.84 16.11
C GLU A 433 -32.05 3.72 15.02
N VAL A 434 -30.87 4.31 15.28
CA VAL A 434 -29.76 4.24 14.34
C VAL A 434 -29.28 2.79 14.24
N GLN A 435 -29.13 2.12 15.38
CA GLN A 435 -28.81 0.69 15.35
C GLN A 435 -29.93 -0.13 14.71
N GLU A 436 -31.17 0.32 14.84
CA GLU A 436 -32.25 -0.44 14.26
C GLU A 436 -32.48 -0.12 12.78
N HIS A 437 -32.59 1.15 12.39
CA HIS A 437 -32.92 1.47 11.00
C HIS A 437 -31.83 2.18 10.14
N PHE A 438 -30.66 2.44 10.73
CA PHE A 438 -29.54 3.00 9.96
C PHE A 438 -28.18 2.40 10.29
N PRO A 439 -28.10 1.07 10.47
CA PRO A 439 -26.92 0.42 11.07
C PRO A 439 -25.61 0.96 10.53
N GLU A 440 -25.68 1.51 9.31
CA GLU A 440 -24.53 2.01 8.58
C GLU A 440 -24.13 3.41 9.03
N ALA A 441 -24.84 3.97 10.01
CA ALA A 441 -24.51 5.28 10.55
C ALA A 441 -23.63 5.20 11.81
N LEU A 442 -23.26 3.96 12.17
CA LEU A 442 -22.37 3.72 13.29
C LEU A 442 -21.33 4.82 13.51
N ALA A 443 -20.59 5.16 12.46
CA ALA A 443 -19.53 6.17 12.53
C ALA A 443 -19.99 7.56 13.04
N ARG A 444 -21.08 8.04 12.44
CA ARG A 444 -21.61 9.35 12.78
C ARG A 444 -22.00 9.34 14.25
N LEU A 445 -22.50 8.21 14.71
CA LEU A 445 -22.89 8.05 16.11
C LEU A 445 -21.69 7.99 17.02
N LEU A 446 -20.68 7.17 16.67
CA LEU A 446 -19.42 7.14 17.43
C LEU A 446 -18.82 8.53 17.68
N LEU A 447 -18.95 9.41 16.70
CA LEU A 447 -18.40 10.75 16.83
C LEU A 447 -19.25 11.69 17.68
N VAL A 448 -20.54 11.46 17.87
CA VAL A 448 -21.28 12.38 18.73
C VAL A 448 -21.26 11.92 20.17
N THR A 449 -20.73 10.71 20.35
CA THR A 449 -20.80 10.00 21.62
C THR A 449 -19.74 10.58 22.54
N LYS A 450 -20.04 10.60 23.83
CA LYS A 450 -19.27 11.36 24.79
C LYS A 450 -18.23 10.48 25.47
N TRP A 451 -17.02 10.47 24.92
CA TRP A 451 -15.99 9.56 25.38
C TRP A 451 -15.40 9.94 26.75
N ASN A 452 -15.59 11.20 27.18
CA ASN A 452 -15.12 11.66 28.50
C ASN A 452 -16.20 11.58 29.57
N LYS A 453 -17.14 10.65 29.36
CA LYS A 453 -18.17 10.34 30.32
C LYS A 453 -18.31 8.83 30.24
N HIS A 454 -17.88 8.13 31.28
CA HIS A 454 -17.87 6.68 31.23
C HIS A 454 -19.23 6.06 30.92
N GLU A 455 -20.28 6.54 31.61
CA GLU A 455 -21.65 6.10 31.36
C GLU A 455 -22.04 6.14 29.87
N ASP A 456 -21.91 7.31 29.24
CA ASP A 456 -22.21 7.47 27.82
C ASP A 456 -21.48 6.46 26.94
N VAL A 457 -20.27 6.11 27.37
CA VAL A 457 -19.41 5.19 26.66
C VAL A 457 -19.93 3.77 26.80
N ALA A 458 -20.45 3.42 27.97
CA ALA A 458 -20.88 2.06 28.22
C ALA A 458 -22.13 1.68 27.44
N GLN A 459 -23.01 2.65 27.21
CA GLN A 459 -24.19 2.37 26.41
C GLN A 459 -23.87 2.32 24.95
N MET A 460 -23.03 3.25 24.47
CA MET A 460 -22.56 3.17 23.09
C MET A 460 -22.04 1.76 22.88
N LEU A 461 -21.10 1.36 23.72
CA LEU A 461 -20.61 0.00 23.72
C LEU A 461 -21.72 -1.01 23.83
N TYR A 462 -22.68 -0.78 24.74
CA TYR A 462 -23.79 -1.69 24.86
C TYR A 462 -24.36 -1.94 23.47
N LEU A 463 -24.66 -0.85 22.77
CA LEU A 463 -25.22 -0.91 21.44
C LEU A 463 -24.29 -1.62 20.48
N LEU A 464 -23.00 -1.28 20.56
CA LEU A 464 -21.98 -1.88 19.67
C LEU A 464 -21.98 -3.39 19.72
N CYS A 465 -22.27 -3.94 20.89
CA CYS A 465 -22.16 -5.36 21.08
C CYS A 465 -23.25 -6.16 20.43
N SER A 466 -24.31 -5.50 19.99
CA SER A 466 -25.30 -6.17 19.18
C SER A 466 -25.45 -5.52 17.79
N TRP A 467 -24.39 -4.90 17.29
CA TRP A 467 -24.50 -4.15 16.05
C TRP A 467 -24.30 -5.03 14.83
N PRO A 468 -25.20 -4.92 13.83
CA PRO A 468 -25.02 -5.72 12.65
C PRO A 468 -23.70 -5.38 11.90
N GLU A 469 -23.03 -6.43 11.42
CA GLU A 469 -21.82 -6.26 10.64
C GLU A 469 -22.01 -5.24 9.54
N LEU A 470 -20.91 -4.66 9.08
CA LEU A 470 -20.98 -3.59 8.08
C LEU A 470 -20.29 -3.93 6.75
N PRO A 471 -20.68 -3.25 5.65
CA PRO A 471 -19.96 -3.54 4.45
C PRO A 471 -18.55 -3.00 4.55
N VAL A 472 -17.65 -3.65 3.82
CA VAL A 472 -16.26 -3.35 3.92
C VAL A 472 -16.01 -1.85 3.90
N LEU A 473 -16.78 -1.12 3.10
CA LEU A 473 -16.49 0.29 2.90
C LEU A 473 -16.71 1.15 4.15
N SER A 474 -17.65 0.73 4.97
CA SER A 474 -17.90 1.37 6.23
C SER A 474 -16.82 0.94 7.19
N ALA A 475 -16.35 -0.31 7.08
CA ALA A 475 -15.33 -0.83 7.99
C ALA A 475 -14.10 0.02 7.80
N LEU A 476 -13.72 0.23 6.52
CA LEU A 476 -12.50 1.00 6.20
C LEU A 476 -12.60 2.37 6.79
N GLU A 477 -13.82 2.89 6.88
CA GLU A 477 -13.96 4.21 7.45
C GLU A 477 -13.62 4.20 8.91
N LEU A 478 -14.02 3.12 9.57
CA LEU A 478 -13.85 2.96 11.01
C LEU A 478 -12.43 2.81 11.45
N LEU A 479 -11.50 2.61 10.51
CA LEU A 479 -10.12 2.27 10.83
C LEU A 479 -9.30 3.49 11.14
N ASP A 480 -9.89 4.63 10.80
CA ASP A 480 -9.22 5.87 10.93
C ASP A 480 -8.87 6.25 12.38
N PHE A 481 -8.08 7.31 12.53
CA PHE A 481 -7.58 7.69 13.82
C PHE A 481 -8.72 8.15 14.73
N SER A 482 -9.74 8.70 14.10
CA SER A 482 -10.91 9.19 14.76
C SER A 482 -11.69 8.17 15.57
N PHE A 483 -11.39 6.90 15.41
CA PHE A 483 -12.13 5.93 16.17
C PHE A 483 -11.16 5.11 17.05
N PRO A 484 -10.55 5.78 18.05
CA PRO A 484 -9.44 5.18 18.75
C PRO A 484 -9.79 4.01 19.66
N ASP A 485 -11.05 3.80 20.02
CA ASP A 485 -11.40 2.75 20.95
C ASP A 485 -11.17 1.33 20.43
N CYS A 486 -10.54 0.49 21.23
CA CYS A 486 -10.36 -0.96 20.91
C CYS A 486 -11.62 -1.78 20.56
N TYR A 487 -12.70 -1.65 21.33
CA TYR A 487 -13.93 -2.39 20.99
C TYR A 487 -14.40 -2.10 19.59
N VAL A 488 -14.34 -0.82 19.23
CA VAL A 488 -14.65 -0.34 17.90
C VAL A 488 -13.63 -0.91 16.92
N GLY A 489 -12.35 -0.80 17.31
CA GLY A 489 -11.26 -1.23 16.44
C GLY A 489 -11.57 -2.64 16.06
N SER A 490 -11.91 -3.41 17.08
CA SER A 490 -12.14 -4.81 16.91
C SER A 490 -13.38 -5.11 16.03
N PHE A 491 -14.40 -4.28 16.11
CA PHE A 491 -15.64 -4.54 15.37
C PHE A 491 -15.38 -4.34 13.88
N ALA A 492 -14.50 -3.38 13.59
CA ALA A 492 -14.07 -3.12 12.23
C ALA A 492 -13.37 -4.34 11.66
N ILE A 493 -12.29 -4.79 12.29
CA ILE A 493 -11.65 -6.06 11.91
C ILE A 493 -12.72 -7.11 11.74
N LYS A 494 -13.63 -7.19 12.70
CA LYS A 494 -14.73 -8.14 12.60
C LYS A 494 -15.51 -7.99 11.29
N SER A 495 -15.69 -6.75 10.81
CA SER A 495 -16.31 -6.54 9.49
C SER A 495 -15.34 -6.73 8.35
N LEU A 496 -14.05 -6.51 8.60
CA LEU A 496 -13.09 -6.63 7.53
C LEU A 496 -12.78 -8.07 7.18
N ARG A 497 -13.12 -9.00 8.07
CA ARG A 497 -12.72 -10.40 7.86
C ARG A 497 -13.30 -11.01 6.57
N LYS A 498 -14.49 -10.58 6.18
CA LYS A 498 -15.05 -11.05 4.92
C LYS A 498 -14.30 -10.51 3.71
N LEU A 499 -13.20 -9.80 3.91
CA LEU A 499 -12.43 -9.32 2.76
C LEU A 499 -11.93 -10.51 1.97
N THR A 500 -12.07 -10.42 0.65
CA THR A 500 -11.49 -11.43 -0.24
C THR A 500 -10.05 -11.11 -0.32
N ASP A 501 -9.25 -12.13 -0.61
CA ASP A 501 -7.79 -11.97 -0.68
C ASP A 501 -7.36 -10.91 -1.68
N ASP A 502 -8.12 -10.84 -2.77
CA ASP A 502 -7.87 -9.83 -3.78
C ASP A 502 -8.24 -8.43 -3.34
N GLU A 503 -9.39 -8.25 -2.73
CA GLU A 503 -9.66 -6.93 -2.17
C GLU A 503 -8.62 -6.54 -1.12
N LEU A 504 -8.28 -7.48 -0.25
CA LEU A 504 -7.41 -7.22 0.89
C LEU A 504 -6.05 -6.73 0.41
N PHE A 505 -5.57 -7.36 -0.65
CA PHE A 505 -4.35 -6.96 -1.33
C PHE A 505 -4.41 -5.52 -1.88
N GLN A 506 -5.53 -5.17 -2.48
CA GLN A 506 -5.80 -3.83 -2.94
C GLN A 506 -5.65 -2.78 -1.84
N TYR A 507 -5.97 -3.13 -0.57
CA TYR A 507 -5.91 -2.18 0.57
C TYR A 507 -4.73 -2.30 1.54
N LEU A 508 -3.84 -3.26 1.29
CA LEU A 508 -2.79 -3.65 2.23
C LEU A 508 -1.90 -2.52 2.63
N LEU A 509 -1.59 -1.68 1.66
CA LEU A 509 -0.77 -0.54 1.89
C LEU A 509 -1.41 0.27 3.00
N GLN A 510 -2.69 0.63 2.86
CA GLN A 510 -3.45 1.35 3.90
C GLN A 510 -3.53 0.64 5.25
N LEU A 511 -3.79 -0.66 5.27
CA LEU A 511 -3.87 -1.36 6.55
C LEU A 511 -2.51 -1.42 7.26
N VAL A 512 -1.43 -1.24 6.53
CA VAL A 512 -0.17 -1.28 7.19
C VAL A 512 0.09 0.06 7.82
N GLN A 513 -0.07 1.11 7.04
CA GLN A 513 0.15 2.45 7.55
C GLN A 513 -0.70 2.69 8.78
N VAL A 514 -1.80 2.00 8.88
CA VAL A 514 -2.63 2.20 10.03
C VAL A 514 -1.95 1.61 11.29
N LEU A 515 -1.14 0.56 11.19
CA LEU A 515 -0.53 0.02 12.40
C LEU A 515 0.14 1.13 13.20
N LYS A 516 0.56 2.18 12.48
CA LYS A 516 1.20 3.30 13.11
C LYS A 516 0.35 4.00 14.17
N TYR A 517 -0.98 3.90 14.06
CA TYR A 517 -1.87 4.47 15.09
C TYR A 517 -2.04 3.58 16.29
N GLU A 518 -1.77 2.28 16.18
CA GLU A 518 -2.00 1.39 17.31
C GLU A 518 -1.38 1.93 18.57
N SER A 519 -2.04 1.66 19.69
CA SER A 519 -1.57 2.10 20.99
C SER A 519 -0.62 1.09 21.57
N TYR A 520 -0.92 -0.18 21.33
CA TYR A 520 -0.12 -1.27 21.86
C TYR A 520 0.40 -2.21 20.77
N LEU A 521 1.33 -3.05 21.15
CA LEU A 521 1.94 -3.99 20.22
C LEU A 521 0.99 -5.12 19.89
N ASP A 522 0.55 -5.88 20.87
CA ASP A 522 -0.41 -6.94 20.63
C ASP A 522 -1.75 -6.29 20.21
N CYS A 523 -2.23 -6.55 19.00
CA CYS A 523 -3.47 -5.92 18.61
C CYS A 523 -4.25 -6.66 17.56
N GLU A 524 -5.56 -6.41 17.47
CA GLU A 524 -6.40 -7.20 16.60
C GLU A 524 -5.93 -7.16 15.16
N LEU A 525 -5.53 -5.96 14.71
CA LEU A 525 -5.10 -5.72 13.34
C LEU A 525 -3.89 -6.54 12.97
N THR A 526 -2.84 -6.40 13.77
CA THR A 526 -1.62 -7.15 13.56
C THR A 526 -1.98 -8.61 13.43
N LYS A 527 -2.69 -9.16 14.42
CA LYS A 527 -3.10 -10.56 14.38
C LYS A 527 -3.79 -10.91 13.08
N PHE A 528 -4.65 -10.01 12.61
CA PHE A 528 -5.37 -10.22 11.38
C PHE A 528 -4.41 -10.24 10.21
N LEU A 529 -3.58 -9.20 10.10
CA LEU A 529 -2.58 -9.16 9.04
C LEU A 529 -1.69 -10.39 9.07
N LEU A 530 -1.22 -10.78 10.26
CA LEU A 530 -0.34 -11.93 10.37
C LEU A 530 -1.10 -13.17 9.90
N GLY A 531 -2.33 -13.30 10.34
CA GLY A 531 -3.12 -14.46 9.99
C GLY A 531 -3.32 -14.59 8.49
N ARG A 532 -3.63 -13.48 7.83
CA ARG A 532 -3.84 -13.48 6.38
C ARG A 532 -2.52 -13.69 5.59
N ALA A 533 -1.47 -12.98 5.96
CA ALA A 533 -0.15 -13.24 5.39
C ALA A 533 0.18 -14.72 5.46
N LEU A 534 -0.16 -15.33 6.57
CA LEU A 534 0.30 -16.67 6.79
C LEU A 534 -0.48 -17.64 5.95
N ALA A 535 -1.61 -17.18 5.43
CA ALA A 535 -2.50 -18.03 4.66
C ALA A 535 -2.40 -17.82 3.14
N ASN A 536 -1.58 -16.86 2.74
CA ASN A 536 -1.48 -16.48 1.36
C ASN A 536 -0.12 -15.87 1.21
N ARG A 537 0.73 -16.59 0.48
CA ARG A 537 2.15 -16.23 0.34
C ARG A 537 2.40 -14.88 -0.32
N LYS A 538 1.46 -14.40 -1.12
CA LYS A 538 1.62 -13.08 -1.74
C LYS A 538 1.34 -11.92 -0.77
N ILE A 539 0.19 -11.97 -0.09
CA ILE A 539 -0.05 -11.07 1.04
C ILE A 539 1.21 -11.10 1.88
N GLY A 540 1.58 -12.30 2.31
CA GLY A 540 2.85 -12.53 2.99
C GLY A 540 4.05 -11.80 2.42
N HIS A 541 4.27 -11.91 1.09
CA HIS A 541 5.42 -11.30 0.41
C HIS A 541 5.38 -9.80 0.56
N PHE A 542 4.24 -9.19 0.20
CA PHE A 542 4.11 -7.74 0.28
C PHE A 542 3.97 -7.14 1.68
N LEU A 543 3.38 -7.90 2.60
CA LEU A 543 3.43 -7.45 3.96
C LEU A 543 4.89 -7.29 4.36
N PHE A 544 5.71 -8.28 4.04
CA PHE A 544 7.06 -8.21 4.47
C PHE A 544 7.72 -6.94 3.99
N TRP A 545 7.60 -6.66 2.70
CA TRP A 545 8.29 -5.51 2.15
C TRP A 545 7.76 -4.22 2.68
N HIS A 546 6.45 -4.16 2.91
CA HIS A 546 5.94 -2.92 3.45
C HIS A 546 6.58 -2.67 4.79
N LEU A 547 6.57 -3.70 5.64
CA LEU A 547 7.20 -3.62 6.95
C LEU A 547 8.69 -3.30 6.81
N ARG A 548 9.39 -4.04 5.93
CA ARG A 548 10.85 -3.98 5.87
C ARG A 548 11.33 -2.64 5.38
N SER A 549 10.55 -2.03 4.51
CA SER A 549 10.93 -0.73 3.97
C SER A 549 10.93 0.43 4.98
N GLU A 550 10.39 0.24 6.18
CA GLU A 550 10.35 1.32 7.21
C GLU A 550 11.27 1.11 8.41
N MET A 551 12.04 0.04 8.38
CA MET A 551 12.94 -0.28 9.45
C MET A 551 13.89 0.84 9.82
N HIS A 552 14.17 1.76 8.91
CA HIS A 552 15.14 2.83 9.17
C HIS A 552 14.35 3.96 9.82
N VAL A 553 13.07 3.72 10.14
CA VAL A 553 12.26 4.76 10.77
C VAL A 553 12.09 4.44 12.27
N PRO A 554 12.80 5.18 13.12
CA PRO A 554 12.86 4.80 14.51
C PRO A 554 11.48 4.57 15.13
N SER A 555 10.47 5.36 14.75
CA SER A 555 9.21 5.32 15.49
C SER A 555 8.41 4.04 15.25
N VAL A 556 8.76 3.28 14.22
CA VAL A 556 8.12 1.99 13.86
C VAL A 556 9.13 0.79 13.72
N ALA A 557 10.43 1.08 13.76
CA ALA A 557 11.44 0.01 13.85
C ALA A 557 11.01 -1.12 14.80
N LEU A 558 10.84 -0.85 16.08
CA LEU A 558 10.44 -1.90 16.97
C LEU A 558 9.19 -2.66 16.53
N ARG A 559 8.06 -1.97 16.29
CA ARG A 559 6.82 -2.71 15.96
C ARG A 559 6.93 -3.60 14.72
N PHE A 560 7.57 -3.08 13.68
CA PHE A 560 7.59 -3.78 12.41
C PHE A 560 8.56 -4.94 12.49
N GLY A 561 9.75 -4.67 13.03
CA GLY A 561 10.71 -5.71 13.37
C GLY A 561 10.06 -6.87 14.13
N LEU A 562 9.21 -6.57 15.12
CA LEU A 562 8.52 -7.63 15.84
C LEU A 562 7.56 -8.38 14.92
N ILE A 563 6.80 -7.66 14.10
CA ILE A 563 5.86 -8.34 13.22
C ILE A 563 6.61 -9.27 12.24
N MET A 564 7.55 -8.72 11.50
CA MET A 564 8.41 -9.55 10.65
C MET A 564 8.89 -10.79 11.39
N GLU A 565 9.39 -10.61 12.62
CA GLU A 565 9.91 -11.75 13.37
C GLU A 565 8.83 -12.83 13.49
N ALA A 566 7.65 -12.44 13.93
CA ALA A 566 6.54 -13.37 14.04
C ALA A 566 6.32 -14.13 12.75
N TYR A 567 6.25 -13.36 11.68
CA TYR A 567 5.99 -13.88 10.38
C TYR A 567 6.95 -15.00 10.04
N CYS A 568 8.21 -14.82 10.40
CA CYS A 568 9.22 -15.77 10.02
C CYS A 568 9.09 -17.04 10.79
N ARG A 569 8.67 -16.90 12.03
CA ARG A 569 8.40 -18.06 12.86
C ARG A 569 7.31 -18.91 12.21
N GLY A 570 6.42 -18.23 11.49
CA GLY A 570 5.37 -18.90 10.74
C GLY A 570 5.77 -19.44 9.39
N SER A 571 6.92 -18.97 8.86
CA SER A 571 7.39 -19.43 7.55
C SER A 571 8.89 -19.45 7.35
N THR A 572 9.50 -20.62 7.54
CA THR A 572 10.96 -20.80 7.43
C THR A 572 11.40 -20.70 5.98
N HIS A 573 10.68 -21.44 5.14
CA HIS A 573 11.00 -21.44 3.73
C HIS A 573 10.83 -20.06 3.12
N HIS A 574 9.77 -19.34 3.46
CA HIS A 574 9.61 -18.00 2.90
C HIS A 574 10.73 -17.07 3.34
N MET A 575 11.12 -17.19 4.60
CA MET A 575 12.23 -16.41 5.12
C MET A 575 13.48 -16.60 4.26
N LYS A 576 13.65 -17.81 3.73
CA LYS A 576 14.82 -18.09 2.94
C LYS A 576 14.70 -17.47 1.57
N VAL A 577 13.47 -17.36 1.08
CA VAL A 577 13.23 -16.89 -0.26
C VAL A 577 13.41 -15.41 -0.24
N LEU A 578 12.99 -14.79 0.86
CA LEU A 578 13.07 -13.34 1.05
C LEU A 578 14.50 -12.85 1.31
N MET A 579 15.32 -13.72 1.90
CA MET A 579 16.72 -13.36 2.13
C MET A 579 17.46 -13.28 0.84
N LYS A 580 17.15 -14.24 -0.01
CA LYS A 580 17.73 -14.23 -1.31
C LYS A 580 17.42 -12.89 -2.00
N GLN A 581 16.22 -12.33 -1.76
CA GLN A 581 15.86 -11.01 -2.29
C GLN A 581 16.62 -9.85 -1.66
N GLY A 582 16.71 -9.84 -0.33
CA GLY A 582 17.54 -8.88 0.36
C GLY A 582 18.98 -8.88 -0.09
N GLU A 583 19.50 -10.05 -0.48
CA GLU A 583 20.89 -10.11 -0.94
C GLU A 583 21.07 -9.42 -2.27
N ALA A 584 20.29 -9.85 -3.26
CA ALA A 584 20.26 -9.09 -4.49
C ALA A 584 20.17 -7.58 -4.22
N LEU A 585 19.30 -7.15 -3.30
CA LEU A 585 19.09 -5.71 -3.08
C LEU A 585 20.37 -5.09 -2.62
N SER A 586 21.03 -5.86 -1.76
CA SER A 586 22.22 -5.42 -1.09
C SER A 586 23.36 -5.14 -2.06
N LYS A 587 23.57 -6.07 -2.99
CA LYS A 587 24.58 -5.97 -4.00
C LYS A 587 24.22 -4.87 -4.94
N LEU A 588 22.94 -4.77 -5.23
CA LEU A 588 22.44 -3.72 -6.05
C LEU A 588 22.83 -2.36 -5.45
N LYS A 589 22.73 -2.25 -4.13
CA LYS A 589 23.15 -1.03 -3.48
C LYS A 589 24.67 -0.78 -3.65
N ALA A 590 25.47 -1.80 -3.42
CA ALA A 590 26.93 -1.67 -3.61
C ALA A 590 27.26 -1.23 -5.05
N LEU A 591 26.57 -1.86 -6.02
CA LEU A 591 26.84 -1.64 -7.43
C LEU A 591 26.48 -0.21 -7.75
N ASN A 592 25.36 0.26 -7.20
CA ASN A 592 24.93 1.62 -7.49
C ASN A 592 25.93 2.67 -6.94
N ASP A 593 26.51 2.40 -5.78
CA ASP A 593 27.40 3.36 -5.16
C ASP A 593 28.65 3.49 -5.95
N PHE A 594 29.16 2.36 -6.42
CA PHE A 594 30.28 2.36 -7.31
C PHE A 594 29.97 3.12 -8.61
N VAL A 595 28.78 2.94 -9.17
CA VAL A 595 28.36 3.68 -10.34
C VAL A 595 28.33 5.14 -10.03
N LYS A 596 27.79 5.52 -8.87
CA LYS A 596 27.77 6.92 -8.49
C LYS A 596 29.17 7.53 -8.41
N VAL A 597 30.13 6.76 -7.94
CA VAL A 597 31.52 7.21 -7.83
C VAL A 597 32.18 7.26 -9.20
N SER A 598 32.16 6.13 -9.88
CA SER A 598 32.86 6.00 -11.11
C SER A 598 32.43 7.08 -12.14
N SER A 599 31.15 7.44 -12.13
CA SER A 599 30.58 8.36 -13.13
C SER A 599 31.09 9.77 -12.98
N GLN A 600 31.57 10.10 -11.78
CA GLN A 600 32.07 11.45 -11.52
C GLN A 600 33.55 11.52 -11.82
N LYS A 601 34.07 10.48 -12.47
CA LYS A 601 35.49 10.45 -12.82
C LYS A 601 35.68 9.85 -14.18
N THR A 602 34.57 9.67 -14.91
CA THR A 602 34.67 9.16 -16.26
C THR A 602 33.40 9.20 -17.07
N THR A 603 33.56 8.83 -18.34
CA THR A 603 32.48 8.81 -19.28
C THR A 603 31.59 7.61 -19.01
N LYS A 604 30.30 7.80 -19.21
CA LYS A 604 29.35 6.70 -19.19
C LYS A 604 29.93 5.44 -19.86
N PRO A 605 30.45 5.54 -21.10
CA PRO A 605 30.83 4.25 -21.68
C PRO A 605 31.81 3.54 -20.77
N GLN A 606 32.77 4.31 -20.27
CA GLN A 606 33.79 3.75 -19.42
C GLN A 606 33.14 3.20 -18.17
N THR A 607 32.29 3.97 -17.53
CA THR A 607 31.61 3.50 -16.34
C THR A 607 30.77 2.24 -16.58
N LYS A 608 30.10 2.17 -17.73
CA LYS A 608 29.26 1.01 -18.04
C LYS A 608 30.11 -0.27 -18.10
N GLU A 609 31.22 -0.19 -18.80
CA GLU A 609 32.11 -1.34 -18.86
C GLU A 609 32.59 -1.76 -17.48
N MET A 610 32.80 -0.80 -16.60
CA MET A 610 33.17 -1.12 -15.21
C MET A 610 32.06 -1.82 -14.49
N MET A 611 30.88 -1.20 -14.49
CA MET A 611 29.67 -1.83 -14.00
C MET A 611 29.57 -3.29 -14.48
N HIS A 612 29.77 -3.50 -15.78
CA HIS A 612 29.60 -4.86 -16.25
C HIS A 612 30.60 -5.76 -15.57
N MET A 613 31.79 -5.24 -15.29
CA MET A 613 32.85 -6.09 -14.76
C MET A 613 32.61 -6.44 -13.32
N CYS A 614 32.07 -5.49 -12.60
CA CYS A 614 31.90 -5.71 -11.22
C CYS A 614 30.75 -6.72 -11.10
N MET A 615 29.79 -6.63 -12.02
CA MET A 615 28.68 -7.60 -12.08
C MET A 615 29.16 -9.02 -12.40
N ARG A 616 30.22 -9.11 -13.17
CA ARG A 616 30.64 -10.41 -13.65
C ARG A 616 31.38 -11.25 -12.60
N GLN A 617 31.72 -10.61 -11.48
CA GLN A 617 32.32 -11.30 -10.35
C GLN A 617 31.34 -12.34 -9.88
N GLU A 618 31.84 -13.50 -9.47
CA GLU A 618 30.99 -14.57 -8.95
C GLU A 618 30.01 -14.07 -7.91
N THR A 619 30.50 -13.36 -6.90
CA THR A 619 29.65 -13.04 -5.79
C THR A 619 28.50 -12.17 -6.24
N TYR A 620 28.68 -11.49 -7.36
CA TYR A 620 27.60 -10.67 -7.90
C TYR A 620 26.66 -11.52 -8.72
N MET A 621 27.25 -12.29 -9.63
CA MET A 621 26.52 -13.12 -10.57
C MET A 621 25.54 -14.01 -9.82
N GLU A 622 25.96 -14.42 -8.64
CA GLU A 622 25.26 -15.41 -7.90
C GLU A 622 24.22 -14.80 -7.03
N ALA A 623 24.49 -13.63 -6.49
CA ALA A 623 23.56 -12.95 -5.62
C ALA A 623 22.42 -12.38 -6.43
N LEU A 624 22.72 -11.86 -7.61
CA LEU A 624 21.74 -11.17 -8.40
C LEU A 624 20.92 -12.12 -9.26
N SER A 625 21.25 -13.41 -9.25
CA SER A 625 20.53 -14.36 -10.09
C SER A 625 19.63 -15.29 -9.30
N HIS A 626 18.55 -15.75 -9.95
CA HIS A 626 17.64 -16.76 -9.46
C HIS A 626 16.97 -16.29 -8.23
N LEU A 627 16.07 -15.34 -8.37
CA LEU A 627 15.27 -14.91 -7.23
C LEU A 627 13.85 -14.59 -7.69
N GLN A 628 12.89 -14.60 -6.78
CA GLN A 628 11.55 -14.06 -7.09
C GLN A 628 11.59 -12.53 -7.11
N SER A 629 10.88 -11.88 -8.01
CA SER A 629 11.08 -10.47 -8.08
C SER A 629 10.31 -9.88 -6.93
N PRO A 630 10.97 -9.04 -6.09
CA PRO A 630 10.20 -8.40 -5.00
C PRO A 630 9.04 -7.56 -5.55
N LEU A 631 9.09 -7.11 -6.81
CA LEU A 631 7.96 -6.37 -7.34
C LEU A 631 6.81 -7.28 -7.61
N ASP A 632 7.06 -8.55 -7.91
CA ASP A 632 5.94 -9.47 -8.05
C ASP A 632 6.40 -10.92 -7.99
N PRO A 633 6.05 -11.60 -6.88
CA PRO A 633 6.70 -12.86 -6.63
C PRO A 633 6.43 -13.90 -7.71
N SER A 634 5.45 -13.66 -8.58
CA SER A 634 5.17 -14.71 -9.52
C SER A 634 6.08 -14.60 -10.72
N THR A 635 6.69 -13.44 -10.89
CA THR A 635 7.82 -13.29 -11.81
C THR A 635 9.17 -13.74 -11.20
N LEU A 636 9.87 -14.65 -11.89
CA LEU A 636 11.23 -15.10 -11.49
C LEU A 636 12.36 -14.43 -12.28
N LEU A 637 13.32 -13.82 -11.60
CA LEU A 637 14.49 -13.31 -12.25
C LEU A 637 15.51 -14.42 -12.25
N GLU A 638 15.69 -15.05 -13.39
CA GLU A 638 16.61 -16.17 -13.48
C GLU A 638 18.06 -15.74 -13.71
N GLU A 639 18.49 -15.63 -14.98
CA GLU A 639 19.88 -15.29 -15.29
C GLU A 639 19.98 -13.83 -15.52
N VAL A 640 20.93 -13.15 -14.93
CA VAL A 640 21.01 -11.71 -15.18
C VAL A 640 21.79 -11.45 -16.46
N CYS A 641 21.22 -10.79 -17.49
CA CYS A 641 22.01 -10.39 -18.72
C CYS A 641 22.83 -9.15 -18.57
N VAL A 642 24.05 -9.35 -18.15
CA VAL A 642 24.93 -8.25 -17.92
C VAL A 642 25.08 -7.37 -19.11
N GLU A 643 25.00 -7.90 -20.34
CA GLU A 643 25.29 -7.05 -21.49
C GLU A 643 24.16 -6.09 -21.76
N GLN A 644 23.03 -6.33 -21.11
CA GLN A 644 21.88 -5.46 -21.22
C GLN A 644 21.68 -4.51 -20.00
N CYS A 645 22.57 -4.55 -19.03
CA CYS A 645 22.41 -3.72 -17.89
C CYS A 645 23.09 -2.41 -18.09
N THR A 646 22.59 -1.38 -17.45
CA THR A 646 23.15 -0.06 -17.64
C THR A 646 22.66 0.81 -16.50
N PHE A 647 22.89 2.11 -16.62
CA PHE A 647 22.42 3.07 -15.64
C PHE A 647 22.07 4.35 -16.38
N MET A 648 21.24 5.20 -15.79
CA MET A 648 21.01 6.49 -16.43
C MET A 648 21.95 7.49 -15.87
N ASP A 649 22.63 8.21 -16.76
CA ASP A 649 23.59 9.14 -16.29
C ASP A 649 22.92 10.46 -16.01
N SER A 650 22.26 10.50 -14.88
CA SER A 650 21.80 11.73 -14.29
C SER A 650 21.13 11.46 -12.96
N LYS A 651 21.49 12.29 -11.98
CA LYS A 651 20.82 12.34 -10.70
C LYS A 651 21.33 11.22 -9.85
N MET A 652 20.40 10.40 -9.36
CA MET A 652 20.70 9.34 -8.42
C MET A 652 21.19 8.08 -9.14
N LYS A 653 21.61 8.27 -10.39
CA LYS A 653 22.21 7.18 -11.15
C LYS A 653 21.46 5.82 -11.10
N PRO A 654 20.19 5.78 -11.51
CA PRO A 654 19.50 4.51 -11.43
C PRO A 654 20.06 3.41 -12.32
N LEU A 655 19.81 2.16 -11.92
CA LEU A 655 20.28 0.94 -12.59
C LEU A 655 19.21 0.21 -13.35
N TRP A 656 19.58 -0.22 -14.56
CA TRP A 656 18.70 -0.91 -15.44
C TRP A 656 19.22 -2.34 -15.45
N ILE A 657 18.53 -3.28 -14.81
CA ILE A 657 19.05 -4.65 -14.73
C ILE A 657 18.08 -5.58 -15.41
N MET A 658 18.55 -6.34 -16.40
CA MET A 658 17.73 -7.20 -17.24
C MET A 658 17.87 -8.72 -16.99
N TYR A 659 16.81 -9.48 -17.15
CA TYR A 659 16.92 -10.92 -16.92
C TYR A 659 16.43 -11.71 -18.09
N SER A 660 16.86 -12.95 -18.20
CA SER A 660 16.23 -13.81 -19.15
C SER A 660 16.14 -15.14 -18.49
N SER A 661 15.34 -16.00 -19.10
CA SER A 661 15.07 -17.31 -18.55
C SER A 661 14.75 -18.22 -19.70
N GLU A 662 15.52 -19.30 -19.86
CA GLU A 662 15.31 -20.23 -20.97
C GLU A 662 13.91 -20.84 -20.87
N GLU A 663 13.53 -21.22 -19.64
CA GLU A 663 12.25 -21.84 -19.36
C GLU A 663 11.04 -21.02 -19.79
N ALA A 664 11.03 -19.75 -19.40
CA ALA A 664 9.88 -18.91 -19.62
C ALA A 664 9.82 -18.33 -21.05
N GLY A 665 10.83 -18.62 -21.87
CA GLY A 665 10.90 -18.05 -23.22
C GLY A 665 10.79 -16.54 -23.17
N SER A 666 10.01 -15.94 -24.06
CA SER A 666 9.87 -14.50 -24.05
C SER A 666 9.45 -13.92 -22.68
N ALA A 667 8.48 -14.57 -22.05
CA ALA A 667 7.95 -14.13 -20.73
C ALA A 667 9.00 -13.95 -19.64
N GLY A 668 10.15 -14.57 -19.81
CA GLY A 668 11.22 -14.49 -18.85
C GLY A 668 12.10 -13.28 -19.11
N ASN A 669 11.89 -12.59 -20.24
CA ASN A 669 12.66 -11.39 -20.51
C ASN A 669 12.04 -10.17 -19.84
N VAL A 670 12.44 -9.93 -18.60
CA VAL A 670 11.89 -8.89 -17.71
C VAL A 670 13.03 -8.02 -17.18
N GLY A 671 12.73 -6.85 -16.69
CA GLY A 671 13.80 -6.04 -16.16
C GLY A 671 13.33 -5.37 -14.90
N ILE A 672 14.28 -4.95 -14.07
CA ILE A 672 13.94 -4.07 -12.97
C ILE A 672 14.79 -2.79 -13.04
N ILE A 673 14.34 -1.73 -12.37
CA ILE A 673 15.10 -0.48 -12.30
C ILE A 673 15.30 -0.28 -10.81
N PHE A 674 16.53 -0.05 -10.37
CA PHE A 674 16.87 0.10 -8.97
C PHE A 674 17.16 1.57 -8.76
N LYS A 675 16.37 2.22 -7.92
CA LYS A 675 16.58 3.63 -7.66
C LYS A 675 17.00 3.75 -6.23
N ASN A 676 17.99 4.60 -6.00
CA ASN A 676 18.51 4.74 -4.67
C ASN A 676 18.88 6.21 -4.43
N GLY A 677 18.07 6.87 -3.61
CA GLY A 677 18.24 8.27 -3.32
C GLY A 677 16.98 9.12 -3.42
N ASP A 678 15.90 8.52 -3.91
CA ASP A 678 14.59 9.16 -4.00
C ASP A 678 13.59 8.51 -3.11
N ASP A 679 12.45 9.14 -2.93
CA ASP A 679 11.49 8.48 -2.15
C ASP A 679 10.40 8.00 -3.06
N LEU A 680 10.34 6.68 -3.26
CA LEU A 680 9.31 6.08 -4.08
C LEU A 680 7.92 5.84 -3.44
N ARG A 681 7.73 6.28 -2.21
CA ARG A 681 6.49 6.00 -1.46
C ARG A 681 5.22 6.56 -2.08
N GLN A 682 5.32 7.79 -2.56
CA GLN A 682 4.22 8.52 -3.19
C GLN A 682 3.94 8.06 -4.60
N ASP A 683 4.98 7.73 -5.36
CA ASP A 683 4.76 6.97 -6.58
C ASP A 683 4.01 5.67 -6.34
N MET A 684 4.38 4.95 -5.30
CA MET A 684 3.74 3.67 -5.09
C MET A 684 2.27 3.89 -4.78
N LEU A 685 1.96 4.94 -4.03
CA LEU A 685 0.58 5.26 -3.70
C LEU A 685 -0.18 5.66 -4.95
N THR A 686 0.43 6.45 -5.80
CA THR A 686 -0.31 6.87 -6.96
C THR A 686 -0.62 5.73 -7.89
N LEU A 687 0.38 4.94 -8.20
CA LEU A 687 0.18 3.81 -9.09
C LEU A 687 -0.87 2.82 -8.58
N GLN A 688 -1.08 2.84 -7.27
CA GLN A 688 -2.07 1.97 -6.66
C GLN A 688 -3.47 2.51 -6.79
N MET A 689 -3.59 3.83 -6.72
CA MET A 689 -4.86 4.45 -7.02
C MET A 689 -5.18 4.26 -8.52
N ILE A 690 -4.16 4.21 -9.35
CA ILE A 690 -4.44 4.02 -10.76
C ILE A 690 -4.85 2.57 -10.98
N GLN A 691 -4.19 1.63 -10.31
CA GLN A 691 -4.59 0.23 -10.43
C GLN A 691 -6.04 0.07 -10.01
N LEU A 692 -6.40 0.69 -8.90
CA LEU A 692 -7.77 0.65 -8.43
C LEU A 692 -8.70 1.18 -9.53
N MET A 693 -8.48 2.44 -9.91
CA MET A 693 -9.26 3.03 -10.99
C MET A 693 -9.48 2.02 -12.14
N ASP A 694 -8.42 1.36 -12.59
CA ASP A 694 -8.55 0.39 -13.67
C ASP A 694 -9.57 -0.69 -13.26
N VAL A 695 -9.35 -1.34 -12.13
CA VAL A 695 -10.27 -2.36 -11.63
C VAL A 695 -11.75 -1.91 -11.58
N LEU A 696 -12.03 -0.74 -11.04
CA LEU A 696 -13.40 -0.29 -11.08
C LEU A 696 -13.89 -0.12 -12.51
N TRP A 697 -13.05 0.38 -13.41
CA TRP A 697 -13.48 0.59 -14.81
C TRP A 697 -13.73 -0.73 -15.49
N LYS A 698 -12.91 -1.70 -15.12
CA LYS A 698 -12.97 -3.00 -15.72
C LYS A 698 -14.17 -3.73 -15.20
N GLN A 699 -14.36 -3.67 -13.89
CA GLN A 699 -15.55 -4.27 -13.30
C GLN A 699 -16.80 -3.84 -14.04
N GLU A 700 -16.74 -2.71 -14.75
CA GLU A 700 -17.93 -2.24 -15.43
C GLU A 700 -17.83 -2.25 -16.93
N GLY A 701 -16.83 -2.98 -17.41
CA GLY A 701 -16.74 -3.33 -18.81
C GLY A 701 -15.92 -2.38 -19.67
N LEU A 702 -15.20 -1.47 -19.03
CA LEU A 702 -14.45 -0.49 -19.76
C LEU A 702 -13.04 -0.89 -19.43
N ASP A 703 -12.28 -1.33 -20.43
CA ASP A 703 -10.82 -1.53 -20.29
C ASP A 703 -10.11 -0.37 -21.00
N LEU A 704 -9.53 0.55 -20.24
CA LEU A 704 -8.87 1.72 -20.83
C LEU A 704 -7.41 1.45 -21.11
N ARG A 705 -7.00 0.20 -21.11
CA ARG A 705 -5.65 -0.17 -21.53
C ARG A 705 -4.55 0.56 -20.77
N MET A 706 -4.65 0.51 -19.42
CA MET A 706 -3.75 1.19 -18.46
C MET A 706 -2.46 0.42 -18.25
N THR A 707 -1.44 1.09 -17.71
CA THR A 707 -0.17 0.41 -17.46
C THR A 707 0.22 0.58 -16.02
N PRO A 708 -0.47 -0.14 -15.15
CA PRO A 708 -0.11 0.02 -13.76
C PRO A 708 1.14 -0.82 -13.46
N TYR A 709 2.33 -0.26 -13.67
CA TYR A 709 3.57 -1.04 -13.51
C TYR A 709 4.05 -1.07 -12.07
N GLY A 710 4.83 -2.08 -11.72
CA GLY A 710 5.24 -2.34 -10.35
C GLY A 710 6.18 -1.28 -9.84
N CYS A 711 6.00 -0.90 -8.58
CA CYS A 711 6.90 0.05 -7.95
C CYS A 711 6.90 -0.20 -6.45
N LEU A 712 8.02 -0.54 -5.83
CA LEU A 712 8.01 -1.02 -4.48
C LEU A 712 9.18 -0.40 -3.72
N PRO A 713 8.93 0.46 -2.72
CA PRO A 713 10.05 0.87 -1.88
C PRO A 713 10.50 -0.31 -1.00
N THR A 714 11.80 -0.47 -0.85
CA THR A 714 12.32 -1.63 -0.15
C THR A 714 13.20 -1.22 1.00
N GLY A 715 13.80 -0.04 0.95
CA GLY A 715 14.63 0.37 2.05
C GLY A 715 14.56 1.86 2.21
N ASP A 716 15.59 2.45 2.81
CA ASP A 716 15.74 3.89 2.94
C ASP A 716 15.92 4.59 1.59
N ARG A 717 14.99 5.46 1.21
CA ARG A 717 15.00 6.05 -0.12
C ARG A 717 15.56 5.02 -1.08
N THR A 718 14.94 3.84 -1.14
CA THR A 718 15.43 2.72 -1.95
C THR A 718 14.27 1.83 -2.36
N GLY A 719 14.21 1.49 -3.64
CA GLY A 719 13.20 0.56 -4.08
C GLY A 719 13.33 0.22 -5.54
N LEU A 720 12.34 -0.48 -6.06
CA LEU A 720 12.44 -1.04 -7.38
C LEU A 720 11.30 -0.55 -8.21
N ILE A 721 11.49 -0.56 -9.52
CA ILE A 721 10.47 -0.14 -10.45
C ILE A 721 10.51 -1.15 -11.57
N GLU A 722 9.35 -1.62 -11.98
CA GLU A 722 9.36 -2.59 -13.05
C GLU A 722 9.68 -1.96 -14.42
N VAL A 723 10.36 -2.71 -15.25
CA VAL A 723 10.69 -2.22 -16.56
C VAL A 723 9.50 -2.48 -17.50
N VAL A 724 9.05 -1.46 -18.21
CA VAL A 724 8.06 -1.75 -19.21
C VAL A 724 8.81 -1.82 -20.52
N LEU A 725 9.02 -3.01 -21.09
CA LEU A 725 9.70 -3.19 -22.39
C LEU A 725 8.93 -2.63 -23.60
N HIS A 726 9.66 -2.25 -24.65
CA HIS A 726 9.02 -1.82 -25.93
C HIS A 726 8.21 -0.55 -25.75
N SER A 727 8.78 0.37 -25.00
CA SER A 727 8.19 1.66 -24.77
C SER A 727 9.21 2.79 -24.93
N ASP A 728 8.74 4.03 -24.91
CA ASP A 728 9.67 5.13 -24.93
C ASP A 728 9.03 6.34 -24.33
N THR A 729 9.83 7.38 -24.14
CA THR A 729 9.26 8.65 -23.72
C THR A 729 8.86 9.47 -24.93
N ILE A 730 7.67 10.04 -24.83
CA ILE A 730 7.22 11.08 -25.76
C ILE A 730 8.37 12.01 -26.16
N ALA A 731 9.02 12.61 -25.17
CA ALA A 731 10.09 13.57 -25.37
C ALA A 731 11.09 13.00 -26.37
N ASN A 732 11.40 11.74 -26.11
CA ASN A 732 12.38 11.01 -26.85
C ASN A 732 12.02 10.82 -28.31
N ILE A 733 10.74 10.55 -28.56
CA ILE A 733 10.23 10.27 -29.88
C ILE A 733 10.19 11.58 -30.63
N GLN A 734 10.12 12.65 -29.85
CA GLN A 734 10.05 14.00 -30.37
C GLN A 734 11.42 14.65 -30.56
N LEU A 735 12.51 13.96 -30.18
CA LEU A 735 13.84 14.41 -30.59
C LEU A 735 13.94 14.28 -32.10
N ASN A 736 12.98 13.54 -32.68
CA ASN A 736 12.69 13.58 -34.11
C ASN A 736 14.02 13.51 -34.83
N LYS A 737 14.76 12.49 -34.44
CA LYS A 737 16.14 12.33 -34.89
C LYS A 737 16.17 11.79 -36.31
N SER A 738 17.02 12.39 -37.16
CA SER A 738 17.12 11.98 -38.57
C SER A 738 17.49 10.51 -38.66
N ASN A 739 17.28 9.90 -39.84
CA ASN A 739 17.62 8.49 -40.05
C ASN A 739 16.95 7.50 -39.03
N MET A 740 15.75 7.87 -38.58
CA MET A 740 14.84 6.96 -37.89
C MET A 740 13.67 6.75 -38.85
N ALA A 741 12.80 5.78 -38.54
CA ALA A 741 11.58 5.57 -39.34
C ALA A 741 10.68 6.80 -39.21
N ALA A 742 10.71 7.37 -37.99
CA ALA A 742 9.84 8.48 -37.54
C ALA A 742 10.15 9.92 -38.05
N THR A 743 11.04 10.04 -39.04
CA THR A 743 11.50 11.34 -39.56
C THR A 743 10.35 12.23 -40.08
N ALA A 744 9.78 13.04 -39.20
CA ALA A 744 8.69 13.93 -39.58
C ALA A 744 9.18 15.26 -40.17
N ALA A 745 8.42 15.82 -41.10
CA ALA A 745 8.69 17.15 -41.65
C ALA A 745 8.14 18.23 -40.73
N PHE A 746 7.08 17.89 -40.01
CA PHE A 746 6.49 18.73 -38.98
C PHE A 746 6.45 17.99 -37.68
N ASN A 747 6.91 18.65 -36.63
CA ASN A 747 7.06 18.00 -35.37
C ASN A 747 5.83 17.20 -34.88
N LYS A 748 4.62 17.72 -35.12
CA LYS A 748 3.35 17.05 -34.73
C LYS A 748 3.15 15.66 -35.33
N ASP A 749 3.67 15.43 -36.52
CA ASP A 749 3.62 14.09 -37.10
C ASP A 749 4.46 13.03 -36.35
N ALA A 750 5.39 13.50 -35.50
CA ALA A 750 6.42 12.62 -34.95
C ALA A 750 5.78 11.48 -34.25
N LEU A 751 4.88 11.81 -33.33
CA LEU A 751 4.23 10.82 -32.53
C LEU A 751 3.50 9.77 -33.36
N LEU A 752 2.73 10.21 -34.33
CA LEU A 752 2.02 9.30 -35.24
C LEU A 752 2.98 8.53 -36.13
N ASN A 753 3.99 9.18 -36.67
CA ASN A 753 4.99 8.46 -37.44
C ASN A 753 5.49 7.26 -36.67
N TRP A 754 5.78 7.46 -35.40
CA TRP A 754 6.36 6.39 -34.61
C TRP A 754 5.42 5.17 -34.52
N LEU A 755 4.13 5.43 -34.33
CA LEU A 755 3.15 4.37 -34.26
C LEU A 755 2.97 3.67 -35.57
N LYS A 756 3.11 4.42 -36.65
CA LYS A 756 3.01 3.83 -37.96
C LYS A 756 4.22 2.93 -38.20
N SER A 757 5.37 3.30 -37.66
CA SER A 757 6.53 2.46 -37.79
C SER A 757 6.39 1.20 -36.92
N LYS A 758 5.90 1.33 -35.69
CA LYS A 758 5.68 0.14 -34.88
C LYS A 758 4.41 -0.67 -35.22
N ASN A 759 3.52 -0.12 -36.06
CA ASN A 759 2.25 -0.81 -36.39
C ASN A 759 1.78 -0.68 -37.82
N PRO A 760 2.56 -1.26 -38.75
CA PRO A 760 2.31 -1.11 -40.17
C PRO A 760 0.91 -1.57 -40.63
N GLY A 761 0.59 -1.16 -41.85
CA GLY A 761 -0.66 -1.52 -42.51
C GLY A 761 -1.85 -1.57 -41.58
N GLU A 762 -2.36 -2.77 -41.39
CA GLU A 762 -3.67 -2.91 -40.80
C GLU A 762 -3.59 -2.72 -39.31
N ALA A 763 -2.40 -2.99 -38.76
CA ALA A 763 -2.18 -2.98 -37.31
C ALA A 763 -2.38 -1.61 -36.69
N LEU A 764 -2.09 -0.55 -37.47
CA LEU A 764 -2.20 0.84 -37.02
C LEU A 764 -3.55 1.21 -36.41
N ASP A 765 -4.62 0.82 -37.07
CA ASP A 765 -5.95 1.14 -36.55
C ASP A 765 -6.06 0.70 -35.11
N ARG A 766 -5.60 -0.52 -34.83
CA ARG A 766 -5.57 -1.03 -33.46
C ARG A 766 -4.80 -0.06 -32.54
N ALA A 767 -3.57 0.29 -32.92
CA ALA A 767 -2.73 1.07 -32.02
C ALA A 767 -3.39 2.41 -31.67
N ILE A 768 -3.99 3.07 -32.65
CA ILE A 768 -4.64 4.36 -32.37
C ILE A 768 -5.75 4.17 -31.35
N GLU A 769 -6.41 3.04 -31.42
CA GLU A 769 -7.50 2.78 -30.52
C GLU A 769 -6.96 2.63 -29.09
N GLU A 770 -5.96 1.77 -28.94
CA GLU A 770 -5.22 1.63 -27.70
C GLU A 770 -4.75 2.96 -27.13
N PHE A 771 -4.12 3.76 -28.00
CA PHE A 771 -3.65 5.06 -27.61
C PHE A 771 -4.82 5.84 -27.07
N THR A 772 -5.97 5.70 -27.70
CA THR A 772 -7.10 6.57 -27.40
C THR A 772 -7.70 6.24 -26.06
N LEU A 773 -7.78 4.95 -25.74
CA LEU A 773 -8.32 4.50 -24.46
C LEU A 773 -7.37 4.81 -23.28
N SER A 774 -6.08 4.50 -23.45
CA SER A 774 -5.10 4.81 -22.42
C SER A 774 -4.98 6.32 -22.16
N CYS A 775 -5.22 7.09 -23.19
CA CYS A 775 -5.08 8.48 -23.06
C CYS A 775 -6.24 9.00 -22.22
N ALA A 776 -7.44 8.50 -22.52
CA ALA A 776 -8.64 8.83 -21.75
C ALA A 776 -8.52 8.46 -20.25
N GLY A 777 -7.98 7.28 -19.95
CA GLY A 777 -7.74 6.91 -18.57
C GLY A 777 -6.78 7.85 -17.87
N TYR A 778 -5.65 8.16 -18.50
CA TYR A 778 -4.67 8.98 -17.83
C TYR A 778 -5.11 10.43 -17.74
N CYS A 779 -5.93 10.86 -18.68
CA CYS A 779 -6.46 12.19 -18.58
C CYS A 779 -7.23 12.37 -17.29
N VAL A 780 -8.13 11.43 -17.06
CA VAL A 780 -9.04 11.41 -15.93
C VAL A 780 -8.30 11.06 -14.62
N ALA A 781 -7.40 10.09 -14.63
CA ALA A 781 -6.72 9.78 -13.39
C ALA A 781 -5.78 10.90 -12.94
N THR A 782 -5.12 11.57 -13.89
CA THR A 782 -4.21 12.61 -13.49
C THR A 782 -4.96 13.81 -13.04
N TYR A 783 -6.10 14.08 -13.66
CA TYR A 783 -6.95 15.17 -13.22
C TYR A 783 -7.51 14.99 -11.79
N VAL A 784 -8.09 13.84 -11.54
CA VAL A 784 -8.71 13.57 -10.26
C VAL A 784 -7.69 13.55 -9.13
N LEU A 785 -6.48 13.11 -9.46
CA LEU A 785 -5.38 13.00 -8.51
C LEU A 785 -4.49 14.25 -8.40
N GLY A 786 -4.66 15.17 -9.33
CA GLY A 786 -3.95 16.44 -9.30
C GLY A 786 -2.48 16.29 -9.56
N ILE A 787 -2.16 15.29 -10.39
CA ILE A 787 -0.81 15.02 -10.82
C ILE A 787 -0.33 16.15 -11.67
N GLY A 788 0.74 16.80 -11.22
CA GLY A 788 1.26 17.96 -11.89
C GLY A 788 2.65 17.69 -12.39
N ASP A 789 3.27 18.74 -12.96
CA ASP A 789 4.64 18.64 -13.42
C ASP A 789 4.77 17.52 -14.46
N ARG A 790 3.93 17.62 -15.49
CA ARG A 790 3.80 16.61 -16.51
C ARG A 790 4.49 17.07 -17.80
N HIS A 791 5.70 16.59 -18.02
CA HIS A 791 6.41 16.83 -19.26
C HIS A 791 6.27 15.65 -20.22
N SER A 792 6.89 15.81 -21.38
CA SER A 792 7.05 14.72 -22.33
C SER A 792 8.05 13.64 -21.84
N ASP A 793 8.91 14.00 -20.88
CA ASP A 793 9.93 13.05 -20.37
C ASP A 793 9.41 12.16 -19.21
N ASN A 794 8.22 12.48 -18.72
CA ASN A 794 7.55 11.60 -17.79
C ASN A 794 6.18 11.12 -18.28
N ILE A 795 5.97 11.13 -19.60
CA ILE A 795 4.87 10.39 -20.24
C ILE A 795 5.47 9.39 -21.23
N MET A 796 4.94 8.16 -21.27
CA MET A 796 5.45 7.14 -22.20
C MET A 796 4.39 6.52 -23.11
N ILE A 797 4.79 5.96 -24.27
CA ILE A 797 3.92 5.12 -25.11
C ILE A 797 4.54 3.77 -25.24
N ARG A 798 3.70 2.75 -25.44
CA ARG A 798 4.15 1.41 -25.78
C ARG A 798 3.97 1.17 -27.28
N GLU A 799 4.86 0.36 -27.87
CA GLU A 799 4.84 0.10 -29.31
C GLU A 799 3.44 -0.33 -29.74
N SER A 800 2.68 -0.86 -28.79
CA SER A 800 1.31 -1.32 -28.99
C SER A 800 0.34 -0.17 -29.14
N GLY A 801 0.77 1.03 -28.72
CA GLY A 801 -0.06 2.23 -28.81
C GLY A 801 -0.41 2.90 -27.49
N GLN A 802 -0.34 2.12 -26.40
CA GLN A 802 -0.75 2.51 -25.03
C GLN A 802 0.11 3.61 -24.46
N LEU A 803 -0.51 4.65 -23.94
CA LEU A 803 0.29 5.73 -23.43
C LEU A 803 0.21 5.62 -21.92
N PHE A 804 1.30 5.86 -21.21
CA PHE A 804 1.20 5.87 -19.77
C PHE A 804 2.04 6.93 -19.11
N HIS A 805 1.64 7.32 -17.89
CA HIS A 805 2.44 8.27 -17.09
C HIS A 805 3.34 7.58 -16.12
N ILE A 806 4.53 8.13 -15.96
CA ILE A 806 5.49 7.66 -14.98
C ILE A 806 5.94 8.81 -14.14
N ASP A 807 6.84 8.48 -13.23
CA ASP A 807 7.45 9.43 -12.31
C ASP A 807 6.54 10.42 -11.61
N PHE A 808 5.74 9.93 -10.67
CA PHE A 808 4.73 10.73 -9.99
C PHE A 808 5.20 11.30 -8.67
N GLY A 809 5.84 12.47 -8.72
CA GLY A 809 6.35 13.11 -7.50
C GLY A 809 5.52 14.22 -6.87
N HIS A 810 4.54 14.74 -7.60
CA HIS A 810 3.66 15.72 -7.02
C HIS A 810 2.21 15.41 -7.38
N PHE A 811 1.35 15.29 -6.39
CA PHE A 811 -0.06 15.05 -6.67
C PHE A 811 -0.92 15.91 -5.80
N LEU A 812 -2.22 15.69 -5.83
CA LEU A 812 -3.18 16.54 -5.12
C LEU A 812 -2.98 18.03 -5.36
N GLY A 813 -2.74 18.39 -6.62
CA GLY A 813 -2.48 19.77 -7.01
C GLY A 813 -1.16 20.34 -6.53
N ASN A 814 -0.53 19.64 -5.58
CA ASN A 814 0.72 20.05 -4.95
C ASN A 814 1.87 20.00 -5.93
N PHE A 815 1.86 20.84 -6.96
CA PHE A 815 2.97 20.88 -7.92
C PHE A 815 4.16 21.66 -7.30
N LYS A 816 5.37 21.16 -7.52
CA LYS A 816 6.62 21.89 -7.22
C LYS A 816 7.58 21.66 -8.38
N ASN A 822 2.51 27.11 -3.77
CA ASN A 822 2.84 25.72 -3.52
C ASN A 822 1.77 24.76 -4.08
N ARG A 823 0.56 24.82 -3.51
CA ARG A 823 -0.59 23.98 -3.88
C ARG A 823 -1.50 24.71 -4.86
N GLU A 824 -1.59 24.22 -6.09
CA GLU A 824 -2.46 24.89 -7.06
C GLU A 824 -3.80 24.14 -7.26
N ARG A 825 -4.45 24.33 -8.41
CA ARG A 825 -5.61 23.53 -8.80
C ARG A 825 -5.48 23.11 -10.27
N VAL A 826 -4.54 22.16 -10.55
CA VAL A 826 -4.27 21.70 -11.93
C VAL A 826 -5.58 21.60 -12.75
N PRO A 827 -5.59 22.19 -13.98
CA PRO A 827 -6.72 21.93 -14.85
C PRO A 827 -6.70 20.51 -15.38
N PHE A 828 -7.80 20.12 -16.01
CA PHE A 828 -7.77 18.99 -16.89
C PHE A 828 -6.68 19.34 -17.89
N ILE A 829 -5.88 18.34 -18.30
CA ILE A 829 -4.87 18.57 -19.33
C ILE A 829 -5.18 17.82 -20.65
N LEU A 830 -4.78 18.40 -21.78
CA LEU A 830 -4.97 17.84 -23.15
C LEU A 830 -3.92 18.34 -24.14
N THR A 831 -2.90 17.52 -24.40
CA THR A 831 -1.84 17.91 -25.33
C THR A 831 -2.32 17.74 -26.72
N TYR A 832 -1.96 18.72 -27.52
CA TYR A 832 -2.33 18.75 -28.89
C TYR A 832 -1.68 17.61 -29.67
N ASP A 833 -0.49 17.21 -29.25
CA ASP A 833 0.16 16.10 -29.94
C ASP A 833 -0.70 14.83 -29.90
N PHE A 834 -1.40 14.66 -28.79
CA PHE A 834 -2.30 13.57 -28.59
C PHE A 834 -3.59 13.74 -29.40
N VAL A 835 -4.18 14.92 -29.36
CA VAL A 835 -5.42 15.09 -30.11
C VAL A 835 -5.18 14.79 -31.57
N HIS A 836 -3.94 14.97 -32.02
CA HIS A 836 -3.57 14.65 -33.38
C HIS A 836 -3.75 13.16 -33.65
N VAL A 837 -3.22 12.33 -32.75
CA VAL A 837 -3.22 10.87 -32.90
C VAL A 837 -4.63 10.29 -32.80
N ILE A 838 -5.40 10.76 -31.82
CA ILE A 838 -6.77 10.34 -31.67
C ILE A 838 -7.53 10.56 -32.99
N GLN A 839 -7.28 11.70 -33.63
CA GLN A 839 -8.05 12.03 -34.81
C GLN A 839 -7.40 11.48 -36.07
N GLN A 840 -6.53 10.47 -35.90
CA GLN A 840 -5.82 9.85 -37.03
C GLN A 840 -5.11 10.87 -37.90
N GLY A 841 -4.47 11.83 -37.26
CA GLY A 841 -3.66 12.82 -37.98
C GLY A 841 -4.42 13.74 -38.91
N LYS A 842 -5.61 14.15 -38.47
CA LYS A 842 -6.49 15.03 -39.25
C LYS A 842 -6.87 16.28 -38.40
N THR A 843 -7.21 17.39 -39.06
CA THR A 843 -7.52 18.62 -38.31
C THR A 843 -8.90 18.57 -37.67
N ASN A 844 -9.90 18.07 -38.40
CA ASN A 844 -11.16 17.73 -37.75
C ASN A 844 -11.47 16.25 -37.84
N ASN A 845 -11.88 15.72 -36.70
CA ASN A 845 -12.46 14.39 -36.64
C ASN A 845 -13.40 14.28 -35.46
N SER A 846 -14.46 15.09 -35.49
CA SER A 846 -15.38 15.22 -34.36
C SER A 846 -15.91 13.85 -33.99
N GLU A 847 -16.06 13.02 -35.02
CA GLU A 847 -16.41 11.65 -34.86
C GLU A 847 -15.49 10.96 -33.86
N LYS A 848 -14.20 10.94 -34.17
CA LYS A 848 -13.24 10.21 -33.35
C LYS A 848 -13.05 10.91 -32.03
N PHE A 849 -13.07 12.24 -32.08
CA PHE A 849 -12.87 13.05 -30.90
C PHE A 849 -14.04 12.95 -29.87
N GLU A 850 -15.26 12.84 -30.42
CA GLU A 850 -16.41 12.87 -29.54
C GLU A 850 -16.63 11.53 -28.88
N ARG A 851 -16.04 10.51 -29.50
CA ARG A 851 -15.91 9.24 -28.82
C ARG A 851 -15.07 9.49 -27.59
N PHE A 852 -13.79 9.81 -27.85
CA PHE A 852 -12.82 10.16 -26.83
C PHE A 852 -13.45 10.97 -25.73
N ARG A 853 -14.07 12.08 -26.10
CA ARG A 853 -14.83 12.83 -25.10
C ARG A 853 -15.69 11.90 -24.19
N GLY A 854 -16.44 10.96 -24.77
CA GLY A 854 -17.29 10.03 -24.02
C GLY A 854 -16.52 9.13 -23.06
N TYR A 855 -15.58 8.37 -23.59
CA TYR A 855 -14.61 7.69 -22.75
C TYR A 855 -14.33 8.46 -21.45
N CYS A 856 -13.71 9.63 -21.59
CA CYS A 856 -13.42 10.52 -20.47
C CYS A 856 -14.61 10.67 -19.56
N GLU A 857 -15.72 11.12 -20.12
CA GLU A 857 -16.95 11.33 -19.34
C GLU A 857 -17.29 10.07 -18.53
N ARG A 858 -17.28 8.93 -19.23
CA ARG A 858 -17.56 7.64 -18.60
C ARG A 858 -16.59 7.28 -17.49
N ALA A 859 -15.29 7.32 -17.81
CA ALA A 859 -14.29 6.97 -16.84
C ALA A 859 -14.55 7.85 -15.65
N TYR A 860 -14.84 9.13 -15.93
CA TYR A 860 -15.04 10.06 -14.84
C TYR A 860 -16.24 9.67 -13.99
N THR A 861 -17.40 9.44 -14.60
CA THR A 861 -18.58 9.15 -13.82
C THR A 861 -18.49 7.86 -12.96
N ILE A 862 -17.89 6.81 -13.49
CA ILE A 862 -17.69 5.59 -12.69
C ILE A 862 -16.86 5.85 -11.41
N LEU A 863 -15.78 6.61 -11.54
CA LEU A 863 -14.94 6.87 -10.40
C LEU A 863 -15.76 7.49 -9.28
N ARG A 864 -16.61 8.44 -9.66
CA ARG A 864 -17.43 9.19 -8.70
C ARG A 864 -18.33 8.30 -7.91
N ARG A 865 -18.78 7.22 -8.54
CA ARG A 865 -19.66 6.29 -7.86
C ARG A 865 -18.91 5.62 -6.75
N HIS A 866 -17.58 5.65 -6.82
CA HIS A 866 -16.78 5.12 -5.73
C HIS A 866 -15.97 6.23 -5.06
N GLY A 867 -16.55 7.42 -4.95
CA GLY A 867 -15.83 8.55 -4.37
C GLY A 867 -15.29 8.20 -3.00
N LEU A 868 -16.19 7.76 -2.11
CA LEU A 868 -15.84 7.44 -0.75
C LEU A 868 -14.67 6.47 -0.68
N LEU A 869 -14.64 5.50 -1.60
CA LEU A 869 -13.64 4.49 -1.49
C LEU A 869 -12.29 5.17 -1.53
N PHE A 870 -12.12 6.16 -2.40
CA PHE A 870 -10.86 6.93 -2.50
C PHE A 870 -10.67 7.76 -1.25
N LEU A 871 -11.73 8.47 -0.88
CA LEU A 871 -11.71 9.24 0.34
C LEU A 871 -11.26 8.44 1.52
N HIS A 872 -11.74 7.22 1.68
CA HIS A 872 -11.41 6.51 2.88
C HIS A 872 -9.98 6.01 2.81
N LEU A 873 -9.58 5.58 1.62
CA LEU A 873 -8.20 5.14 1.42
C LEU A 873 -7.18 6.24 1.57
N PHE A 874 -7.48 7.42 1.07
CA PHE A 874 -6.62 8.56 1.25
C PHE A 874 -6.59 9.03 2.67
N ALA A 875 -7.70 8.89 3.36
CA ALA A 875 -7.77 9.22 4.78
C ALA A 875 -6.87 8.32 5.60
N LEU A 876 -6.82 7.03 5.29
CA LEU A 876 -6.02 6.14 6.11
C LEU A 876 -4.53 6.42 5.94
N MET A 877 -4.16 6.92 4.74
CA MET A 877 -2.76 7.16 4.37
C MET A 877 -2.16 8.43 4.97
N ARG A 878 -2.98 9.31 5.50
CA ARG A 878 -2.46 10.48 6.20
C ARG A 878 -1.46 10.04 7.25
N ALA A 879 -1.54 8.76 7.61
CA ALA A 879 -0.64 8.12 8.56
C ALA A 879 0.80 7.98 8.04
N ALA A 880 0.98 7.92 6.74
CA ALA A 880 2.30 7.63 6.22
C ALA A 880 3.28 8.77 6.48
N GLY A 881 2.77 9.89 6.98
CA GLY A 881 3.52 11.12 6.97
C GLY A 881 4.08 11.50 5.60
N LEU A 882 3.34 11.20 4.53
CA LEU A 882 3.67 11.78 3.23
C LEU A 882 3.54 13.31 3.23
N PRO A 883 4.61 14.02 2.82
CA PRO A 883 4.52 15.46 3.02
C PRO A 883 3.51 16.13 2.12
N GLU A 884 3.09 15.46 1.04
CA GLU A 884 2.06 16.02 0.17
C GLU A 884 0.66 15.55 0.53
N LEU A 885 0.60 14.77 1.60
CA LEU A 885 -0.64 14.23 2.14
C LEU A 885 -0.65 14.40 3.66
N SER A 886 -0.71 15.64 4.12
CA SER A 886 -0.57 15.90 5.55
C SER A 886 -1.90 16.05 6.25
N CYS A 887 -2.89 16.59 5.55
CA CYS A 887 -3.98 17.20 6.27
C CYS A 887 -5.31 17.26 5.54
N SER A 888 -6.18 18.10 6.10
CA SER A 888 -7.48 18.37 5.52
C SER A 888 -7.37 19.00 4.15
N LYS A 889 -6.50 19.99 3.99
CA LYS A 889 -6.43 20.70 2.72
C LYS A 889 -6.11 19.71 1.60
N ASP A 890 -5.25 18.74 1.91
CA ASP A 890 -4.82 17.74 0.93
C ASP A 890 -5.97 16.90 0.39
N ILE A 891 -6.70 16.21 1.28
CA ILE A 891 -7.81 15.34 0.87
C ILE A 891 -8.96 16.14 0.26
N GLN A 892 -9.03 17.43 0.58
CA GLN A 892 -10.01 18.29 -0.04
C GLN A 892 -9.89 18.15 -1.56
N TYR A 893 -8.66 18.10 -2.05
CA TYR A 893 -8.43 18.14 -3.48
C TYR A 893 -9.31 17.14 -4.21
N LEU A 894 -9.43 15.97 -3.61
CA LEU A 894 -10.22 14.84 -4.10
C LEU A 894 -11.71 15.03 -4.09
N LYS A 895 -12.25 15.49 -2.97
CA LYS A 895 -13.69 15.78 -2.87
C LYS A 895 -14.14 16.65 -4.03
N ASP A 896 -13.35 17.67 -4.31
CA ASP A 896 -13.56 18.60 -5.40
C ASP A 896 -13.34 18.00 -6.77
N SER A 897 -12.16 17.44 -7.01
CA SER A 897 -11.89 16.87 -8.32
C SER A 897 -12.98 15.85 -8.62
N LEU A 898 -13.44 15.14 -7.61
CA LEU A 898 -14.55 14.23 -7.81
C LEU A 898 -15.95 14.90 -7.70
N ALA A 899 -15.98 16.16 -7.25
CA ALA A 899 -17.24 16.85 -7.03
C ALA A 899 -18.19 15.86 -6.43
N LEU A 900 -17.87 15.35 -5.26
CA LEU A 900 -18.80 14.45 -4.62
C LEU A 900 -19.88 15.31 -3.95
N GLY A 901 -19.65 16.62 -3.97
CA GLY A 901 -20.63 17.56 -3.45
C GLY A 901 -21.83 17.70 -4.36
N LYS A 902 -21.62 17.61 -5.66
CA LYS A 902 -22.71 17.79 -6.62
C LYS A 902 -23.37 16.48 -6.99
N THR A 903 -24.35 16.56 -7.86
CA THR A 903 -25.09 15.38 -8.27
C THR A 903 -24.55 14.84 -9.57
N GLU A 904 -24.89 13.58 -9.78
CA GLU A 904 -24.63 12.84 -11.01
C GLU A 904 -24.67 13.76 -12.23
N GLU A 905 -25.63 14.69 -12.21
CA GLU A 905 -25.82 15.63 -13.30
C GLU A 905 -24.80 16.77 -13.30
N GLU A 906 -24.98 17.70 -12.37
CA GLU A 906 -24.16 18.90 -12.27
C GLU A 906 -22.65 18.66 -12.17
N ALA A 907 -22.24 17.45 -11.79
CA ALA A 907 -20.82 17.13 -11.73
C ALA A 907 -20.31 17.05 -13.14
N LEU A 908 -21.10 16.43 -14.01
CA LEU A 908 -20.72 16.15 -15.37
C LEU A 908 -20.68 17.40 -16.25
N LYS A 909 -21.60 18.33 -16.02
CA LYS A 909 -21.60 19.63 -16.72
C LYS A 909 -20.32 20.38 -16.32
N HIS A 910 -20.17 20.60 -15.02
CA HIS A 910 -18.99 21.19 -14.40
C HIS A 910 -17.70 20.56 -14.92
N PHE A 911 -17.72 19.25 -15.11
CA PHE A 911 -16.62 18.53 -15.74
C PHE A 911 -16.38 19.06 -17.16
N ARG A 912 -17.42 19.03 -17.99
CA ARG A 912 -17.31 19.47 -19.38
C ARG A 912 -16.74 20.88 -19.48
N VAL A 913 -17.07 21.70 -18.49
CA VAL A 913 -16.51 23.04 -18.36
C VAL A 913 -14.98 22.97 -18.36
N LYS A 914 -14.39 22.12 -17.54
CA LYS A 914 -12.93 22.09 -17.44
C LYS A 914 -12.31 21.20 -18.49
N PHE A 915 -13.15 20.58 -19.31
CA PHE A 915 -12.67 19.75 -20.41
C PHE A 915 -12.46 20.64 -21.65
N ASN A 916 -13.46 21.48 -21.93
CA ASN A 916 -13.41 22.38 -23.09
C ASN A 916 -12.37 23.45 -22.94
N GLU A 917 -12.20 23.91 -21.70
CA GLU A 917 -11.06 24.71 -21.31
C GLU A 917 -9.76 24.02 -21.70
N ALA A 918 -9.49 22.85 -21.11
CA ALA A 918 -8.31 22.06 -21.49
C ALA A 918 -8.21 21.87 -23.01
N LEU A 919 -9.37 21.69 -23.65
CA LEU A 919 -9.46 21.52 -25.09
C LEU A 919 -8.96 22.76 -25.83
N ARG A 920 -9.63 23.90 -25.64
CA ARG A 920 -9.26 25.17 -26.28
C ARG A 920 -7.86 25.65 -25.88
N GLU A 921 -7.30 24.98 -24.88
CA GLU A 921 -5.94 25.18 -24.44
C GLU A 921 -4.91 24.51 -25.36
N SER A 922 -5.28 23.37 -25.95
CA SER A 922 -4.47 22.71 -26.99
C SER A 922 -4.21 23.71 -28.15
N TRP A 923 -3.07 24.45 -28.03
CA TRP A 923 -2.85 25.78 -28.67
C TRP A 923 -4.05 26.74 -28.77
CAA RW4 B . 15.38 2.66 -22.00
CAB RW4 B . 14.56 2.55 -23.33
NAI RW4 B . 14.90 3.82 -24.12
CAJ RW4 B . 16.41 3.95 -24.16
CAQ RW4 B . 14.27 5.06 -23.46
CAP RW4 B . 15.00 5.35 -22.12
NAH RW4 B . 15.27 4.06 -21.40
CAG RW4 B . 15.51 4.16 -20.03
NAF RW4 B . 16.72 3.72 -19.59
CAE RW4 B . 17.04 3.78 -18.28
CAD RW4 B . 18.30 3.31 -17.88
CAC RW4 B . 18.63 3.36 -16.51
CAK RW4 B . 17.69 3.89 -15.56
CAL RW4 B . 16.41 4.37 -15.97
CAM RW4 B . 16.09 4.32 -17.34
CAN RW4 B . 14.84 4.77 -17.77
CAO RW4 B . 14.54 4.69 -19.14
CAR RW4 B . 13.16 5.18 -19.56
NAV RW4 B . 12.27 4.66 -18.49
NBA RW4 B . 11.99 5.30 -17.45
C6 RW4 B . 11.67 3.44 -18.48
N1 RW4 B . 11.67 2.40 -19.33
C2 RW4 B . 10.96 1.30 -19.05
N3 RW4 B . 10.25 1.16 -17.92
C4 RW4 B . 10.21 2.20 -17.05
NAZ RW4 B . 9.50 2.07 -15.92
C5 RW4 B . 10.93 3.35 -17.31
CBB RW4 B . 11.17 4.55 -16.67
CBD RW4 B . 10.64 4.90 -15.46
CBC RW4 B . 11.40 5.75 -14.66
CBF RW4 B . 10.89 6.14 -13.44
SBI RW4 B . 11.55 7.19 -12.23
CBK RW4 B . 10.19 7.01 -11.17
NBJ RW4 B . 10.08 7.60 -9.98
NBL RW4 B . 9.26 6.20 -11.74
CBG RW4 B . 9.62 5.72 -12.97
CBH RW4 B . 8.86 4.87 -13.79
CBE RW4 B . 9.38 4.47 -15.04
#